data_2CLT
#
_entry.id   2CLT
#
_cell.length_a   138.485
_cell.length_b   138.485
_cell.length_c   110.046
_cell.angle_alpha   90.00
_cell.angle_beta   90.00
_cell.angle_gamma   120.00
#
_symmetry.space_group_name_H-M   'P 32 2 1'
#
loop_
_entity.id
_entity.type
_entity.pdbx_description
1 polymer 'INTERSTITIAL COLLAGENASE'
2 non-polymer 'CALCIUM ION'
3 non-polymer 'ZINC ION'
4 water water
#
_entity_poly.entity_id   1
_entity_poly.type   'polypeptide(L)'
_entity_poly.pdbx_seq_one_letter_code
;FVLTEGNPRWEQTHLTYRIENYTPDLPRADVDHAIEKAFQLWSNVTPLTFTKVSEGQADIMISFVRGDHRDNSPFDGPGG
NLAHAFQPGPGIGGDAHFDEDERWTNNFREYNLHRVAAHALGHSLGLSHSTDIGALMYPSYTFSGDVQLAQDDIDGIQAI
YGRSQNPVQPIGPQTPKACDSKLTFDAITTIRGEVMFFKDRFYMRTNPFYPEVELNFISVFWPQLPNGLEAAYEFADRDE
VRFFKGNKYWAVQGQNVLHGYPKDIYSSFGFPRTVKHIDAALSEENTGKTYFFVANKYWRYDEYKRSMDPGYPKMIAHDF
PGIGHKVDAVFMKDGFFYFFHGTRQYKFDPKTKRILTLQKANSWFNC
;
_entity_poly.pdbx_strand_id   A,B
#
# COMPACT_ATOMS: atom_id res chain seq x y z
N PHE A 1 16.08 1.10 21.91
CA PHE A 1 15.26 -0.09 22.26
C PHE A 1 14.59 0.08 23.62
N VAL A 2 13.51 -0.67 23.85
CA VAL A 2 12.76 -0.61 25.09
C VAL A 2 12.45 -2.04 25.56
N LEU A 3 12.86 -2.39 26.77
CA LEU A 3 12.59 -3.73 27.27
C LEU A 3 11.22 -3.79 27.92
N THR A 4 10.48 -4.84 27.60
CA THR A 4 9.16 -5.02 28.14
C THR A 4 9.15 -4.84 29.66
N GLU A 5 8.21 -4.04 30.12
CA GLU A 5 8.03 -3.75 31.55
C GLU A 5 7.91 -5.06 32.30
N GLY A 6 8.63 -5.16 33.41
CA GLY A 6 8.61 -6.38 34.20
C GLY A 6 9.78 -7.25 33.80
N ASN A 7 10.40 -6.93 32.68
CA ASN A 7 11.53 -7.68 32.16
C ASN A 7 11.31 -9.18 32.08
N PRO A 8 10.27 -9.62 31.36
CA PRO A 8 10.02 -11.06 31.24
C PRO A 8 11.13 -11.63 30.38
N ARG A 9 11.62 -12.82 30.74
CA ARG A 9 12.72 -13.44 30.04
C ARG A 9 12.62 -14.95 30.10
N TRP A 10 12.96 -15.62 29.00
CA TRP A 10 12.93 -17.10 28.97
C TRP A 10 14.09 -17.64 29.81
N GLU A 11 13.81 -18.63 30.63
CA GLU A 11 14.83 -19.20 31.50
C GLU A 11 15.74 -20.18 30.77
N GLN A 12 15.23 -20.90 29.78
CA GLN A 12 16.04 -21.86 29.02
C GLN A 12 16.67 -21.13 27.85
N THR A 13 17.77 -21.63 27.31
CA THR A 13 18.37 -20.96 26.16
C THR A 13 18.04 -21.77 24.91
N HIS A 14 17.48 -22.94 25.11
CA HIS A 14 17.07 -23.79 24.00
C HIS A 14 15.55 -23.90 23.99
N LEU A 15 14.95 -23.04 23.17
CA LEU A 15 13.51 -22.96 23.05
C LEU A 15 12.88 -23.75 21.90
N THR A 16 11.61 -24.09 22.08
CA THR A 16 10.85 -24.83 21.08
C THR A 16 9.71 -23.98 20.58
N TYR A 17 9.35 -24.16 19.30
CA TYR A 17 8.27 -23.40 18.70
C TYR A 17 7.48 -24.25 17.72
N ARG A 18 6.17 -24.04 17.67
CA ARG A 18 5.31 -24.87 16.85
C ARG A 18 4.28 -24.05 16.07
N ILE A 19 4.09 -24.42 14.81
CA ILE A 19 3.13 -23.73 13.96
C ILE A 19 1.84 -24.57 13.96
N GLU A 20 0.86 -24.14 14.75
CA GLU A 20 -0.41 -24.85 14.87
C GLU A 20 -1.18 -25.02 13.57
N ASN A 21 -1.55 -23.92 12.93
CA ASN A 21 -2.29 -24.03 11.67
C ASN A 21 -1.58 -23.19 10.62
N TYR A 22 -1.98 -23.33 9.36
CA TYR A 22 -1.34 -22.55 8.29
C TYR A 22 -2.30 -21.65 7.54
N THR A 23 -1.82 -20.48 7.12
CA THR A 23 -2.64 -19.55 6.36
C THR A 23 -2.82 -20.01 4.92
N PRO A 24 -4.04 -19.83 4.38
CA PRO A 24 -4.38 -20.22 3.01
C PRO A 24 -3.65 -19.40 1.97
N ASP A 25 -3.20 -18.22 2.38
CA ASP A 25 -2.54 -17.29 1.47
C ASP A 25 -1.24 -17.84 0.89
N LEU A 26 -0.62 -18.79 1.60
CA LEU A 26 0.65 -19.34 1.15
C LEU A 26 0.80 -20.85 1.29
N PRO A 27 1.74 -21.45 0.55
CA PRO A 27 2.01 -22.89 0.59
C PRO A 27 2.70 -23.14 1.93
N ARG A 28 2.40 -24.24 2.60
CA ARG A 28 3.00 -24.55 3.89
C ARG A 28 4.51 -24.32 3.89
N ALA A 29 5.15 -24.67 2.78
CA ALA A 29 6.59 -24.50 2.65
C ALA A 29 6.97 -23.06 2.91
N ASP A 30 6.31 -22.15 2.19
CA ASP A 30 6.57 -20.73 2.33
C ASP A 30 6.31 -20.18 3.71
N VAL A 31 5.31 -20.71 4.40
CA VAL A 31 5.04 -20.24 5.75
C VAL A 31 6.20 -20.72 6.61
N ASP A 32 6.49 -22.02 6.55
CA ASP A 32 7.59 -22.62 7.32
C ASP A 32 8.89 -21.84 7.15
N HIS A 33 9.20 -21.46 5.91
CA HIS A 33 10.43 -20.74 5.66
C HIS A 33 10.44 -19.38 6.36
N ALA A 34 9.34 -18.65 6.21
CA ALA A 34 9.21 -17.34 6.81
C ALA A 34 9.46 -17.38 8.33
N ILE A 35 8.81 -18.30 9.02
CA ILE A 35 8.99 -18.41 10.47
C ILE A 35 10.44 -18.75 10.82
N GLU A 36 10.96 -19.81 10.22
CA GLU A 36 12.33 -20.25 10.46
C GLU A 36 13.34 -19.11 10.36
N LYS A 37 13.30 -18.39 9.25
CA LYS A 37 14.22 -17.27 9.04
C LYS A 37 13.95 -16.15 10.05
N ALA A 38 12.73 -16.08 10.54
CA ALA A 38 12.39 -15.05 11.50
C ALA A 38 13.11 -15.37 12.81
N PHE A 39 13.09 -16.63 13.19
CA PHE A 39 13.75 -17.05 14.42
C PHE A 39 15.28 -16.93 14.29
N GLN A 40 15.78 -17.20 13.10
CA GLN A 40 17.21 -17.15 12.87
C GLN A 40 17.81 -15.76 13.06
N LEU A 41 17.05 -14.72 12.73
CA LEU A 41 17.52 -13.35 12.89
C LEU A 41 17.92 -13.14 14.34
N TRP A 42 17.09 -13.66 15.23
CA TRP A 42 17.31 -13.55 16.66
C TRP A 42 18.36 -14.53 17.18
N SER A 43 18.38 -15.77 16.69
CA SER A 43 19.39 -16.70 17.17
C SER A 43 20.80 -16.31 16.68
N ASN A 44 20.90 -15.46 15.66
CA ASN A 44 22.20 -15.04 15.14
C ASN A 44 22.95 -14.05 16.03
N VAL A 45 22.23 -13.34 16.89
CA VAL A 45 22.85 -12.32 17.74
C VAL A 45 22.72 -12.61 19.23
N THR A 46 22.28 -13.82 19.55
CA THR A 46 22.12 -14.20 20.96
C THR A 46 22.46 -15.68 21.10
N PRO A 47 22.57 -16.16 22.35
CA PRO A 47 22.90 -17.57 22.52
C PRO A 47 21.69 -18.49 22.36
N LEU A 48 20.50 -17.89 22.25
CA LEU A 48 19.26 -18.64 22.10
C LEU A 48 19.16 -19.48 20.82
N THR A 49 18.48 -20.63 20.94
CA THR A 49 18.25 -21.53 19.80
C THR A 49 16.77 -21.90 19.77
N PHE A 50 16.24 -22.08 18.57
CA PHE A 50 14.83 -22.42 18.41
C PHE A 50 14.67 -23.71 17.62
N THR A 51 13.92 -24.64 18.20
CA THR A 51 13.67 -25.94 17.58
C THR A 51 12.19 -26.10 17.25
N LYS A 52 11.92 -26.41 15.99
CA LYS A 52 10.54 -26.60 15.53
C LYS A 52 10.03 -27.96 15.97
N VAL A 53 8.85 -27.98 16.57
CA VAL A 53 8.26 -29.23 17.03
C VAL A 53 6.91 -29.38 16.29
N SER A 54 6.41 -30.61 16.14
CA SER A 54 5.15 -30.84 15.44
C SER A 54 3.97 -31.09 16.38
N GLU A 55 4.13 -32.08 17.25
CA GLU A 55 3.06 -32.38 18.18
C GLU A 55 3.36 -31.80 19.54
N GLY A 56 2.35 -31.81 20.40
CA GLY A 56 2.53 -31.29 21.75
C GLY A 56 2.80 -29.81 21.84
N GLN A 57 2.72 -29.29 23.07
CA GLN A 57 2.96 -27.90 23.38
C GLN A 57 4.40 -27.48 23.12
N ALA A 58 4.60 -26.19 22.93
CA ALA A 58 5.92 -25.62 22.69
C ALA A 58 5.98 -24.25 23.37
N ASP A 59 7.19 -23.73 23.58
CA ASP A 59 7.32 -22.44 24.22
C ASP A 59 6.54 -21.44 23.39
N ILE A 60 6.86 -21.36 22.11
CA ILE A 60 6.19 -20.42 21.23
C ILE A 60 5.23 -21.10 20.27
N MET A 61 3.94 -20.93 20.55
CA MET A 61 2.87 -21.50 19.73
C MET A 61 2.45 -20.45 18.71
N ILE A 62 2.67 -20.74 17.44
CA ILE A 62 2.31 -19.82 16.36
C ILE A 62 1.00 -20.23 15.67
N SER A 63 0.13 -19.26 15.40
CA SER A 63 -1.13 -19.59 14.76
C SER A 63 -1.75 -18.43 13.98
N PHE A 64 -2.61 -18.79 13.03
CA PHE A 64 -3.31 -17.81 12.21
C PHE A 64 -4.76 -17.88 12.64
N VAL A 65 -5.27 -16.79 13.21
CA VAL A 65 -6.62 -16.76 13.77
C VAL A 65 -7.41 -15.57 13.23
N ARG A 66 -8.73 -15.65 13.32
CA ARG A 66 -9.61 -14.63 12.79
C ARG A 66 -10.52 -14.06 13.87
N GLY A 67 -10.79 -12.76 13.80
CA GLY A 67 -11.57 -12.08 14.82
C GLY A 67 -11.28 -12.60 16.21
N ASP A 68 -12.24 -12.46 17.11
CA ASP A 68 -12.11 -12.96 18.46
C ASP A 68 -11.79 -14.45 18.42
N HIS A 69 -10.67 -14.84 19.03
CA HIS A 69 -10.09 -16.16 18.82
C HIS A 69 -9.50 -16.75 20.10
N ARG A 70 -9.96 -16.27 21.25
CA ARG A 70 -10.06 -17.12 22.44
C ARG A 70 -9.05 -16.73 23.51
N ASP A 71 -8.81 -15.44 23.66
CA ASP A 71 -7.60 -14.98 24.35
C ASP A 71 -7.67 -13.53 24.84
N ASN A 72 -8.78 -12.86 24.56
CA ASN A 72 -8.96 -11.47 24.97
C ASN A 72 -8.25 -10.40 24.14
N SER A 73 -7.81 -10.78 22.94
CA SER A 73 -7.15 -9.83 22.04
C SER A 73 -7.73 -9.99 20.64
N PRO A 74 -9.06 -9.89 20.51
CA PRO A 74 -9.78 -10.03 19.25
C PRO A 74 -9.20 -9.26 18.06
N PHE A 75 -9.14 -9.91 16.91
CA PHE A 75 -8.63 -9.26 15.71
C PHE A 75 -9.72 -8.39 15.08
N ASP A 76 -9.30 -7.45 14.25
CA ASP A 76 -10.19 -6.48 13.61
C ASP A 76 -10.50 -6.65 12.12
N GLY A 77 -10.50 -7.88 11.62
CA GLY A 77 -10.79 -8.08 10.21
C GLY A 77 -9.76 -7.42 9.30
N PRO A 78 -9.99 -7.38 7.99
CA PRO A 78 -9.08 -6.77 7.00
C PRO A 78 -8.45 -5.46 7.43
N GLY A 79 -7.19 -5.22 7.23
CA GLY A 79 -6.61 -4.06 7.86
C GLY A 79 -6.39 -4.07 9.35
N GLY A 80 -5.86 -2.95 9.82
CA GLY A 80 -5.86 -2.65 11.24
C GLY A 80 -4.66 -3.25 11.95
N ASN A 81 -4.93 -4.14 12.90
CA ASN A 81 -3.89 -4.96 13.50
C ASN A 81 -3.56 -6.19 12.67
N LEU A 82 -2.28 -6.34 12.32
CA LEU A 82 -1.83 -7.49 11.54
C LEU A 82 -1.52 -8.67 12.44
N ALA A 83 -0.98 -8.39 13.61
CA ALA A 83 -0.61 -9.44 14.56
C ALA A 83 -0.27 -8.98 15.97
N HIS A 84 -0.03 -9.94 16.85
CA HIS A 84 0.37 -9.67 18.22
C HIS A 84 0.96 -10.90 18.87
N ALA A 85 1.90 -10.70 19.78
CA ALA A 85 2.55 -11.80 20.47
C ALA A 85 2.63 -11.51 21.96
N PHE A 86 2.68 -12.56 22.77
CA PHE A 86 2.73 -12.40 24.22
C PHE A 86 4.12 -12.51 24.83
N GLN A 87 4.30 -11.87 26.00
CA GLN A 87 5.53 -11.85 26.75
C GLN A 87 6.07 -13.26 27.02
N PRO A 88 7.38 -13.37 27.24
CA PRO A 88 7.93 -14.69 27.52
C PRO A 88 7.24 -15.15 28.83
N GLY A 89 6.98 -16.44 28.97
CA GLY A 89 6.34 -16.90 30.18
C GLY A 89 5.61 -18.18 29.93
N PRO A 90 5.03 -18.77 30.97
CA PRO A 90 4.29 -20.03 30.84
C PRO A 90 2.94 -19.84 30.13
N GLY A 91 2.33 -20.95 29.72
CA GLY A 91 1.16 -20.90 28.88
C GLY A 91 1.14 -20.12 27.58
N ILE A 92 0.11 -19.29 27.41
CA ILE A 92 0.03 -18.35 26.30
C ILE A 92 1.26 -17.46 26.17
N GLY A 93 2.16 -17.52 27.16
CA GLY A 93 3.38 -16.73 27.06
C GLY A 93 4.23 -17.02 25.84
N GLY A 94 4.74 -15.97 25.21
CA GLY A 94 5.57 -16.16 24.04
C GLY A 94 4.84 -16.48 22.75
N ASP A 95 3.53 -16.71 22.82
CA ASP A 95 2.77 -17.05 21.62
C ASP A 95 2.52 -15.85 20.73
N ALA A 96 2.47 -16.13 19.42
CA ALA A 96 2.26 -15.09 18.43
C ALA A 96 1.07 -15.43 17.57
N HIS A 97 0.20 -14.45 17.39
CA HIS A 97 -1.00 -14.66 16.59
C HIS A 97 -1.00 -13.69 15.43
N PHE A 98 -1.28 -14.24 14.25
CA PHE A 98 -1.36 -13.44 13.04
C PHE A 98 -2.81 -13.40 12.61
N ASP A 99 -3.31 -12.20 12.32
CA ASP A 99 -4.71 -12.02 11.93
C ASP A 99 -4.93 -12.44 10.49
N GLU A 100 -5.88 -13.35 10.28
CA GLU A 100 -5.95 -14.12 9.05
C GLU A 100 -6.60 -13.32 7.93
N ASP A 101 -7.31 -12.25 8.30
CA ASP A 101 -8.01 -11.45 7.32
C ASP A 101 -6.94 -10.50 6.85
N GLU A 102 -5.70 -10.87 7.20
CA GLU A 102 -4.52 -10.35 6.52
C GLU A 102 -4.10 -11.23 5.37
N ARG A 103 -3.50 -10.59 4.37
CA ARG A 103 -3.17 -11.23 3.10
C ARG A 103 -1.67 -11.53 3.02
N TRP A 104 -1.24 -12.45 3.86
CA TRP A 104 0.18 -12.75 4.07
C TRP A 104 0.85 -13.12 2.76
N THR A 105 2.04 -12.57 2.54
CA THR A 105 2.74 -12.81 1.30
C THR A 105 4.20 -13.21 1.48
N ASN A 106 4.89 -13.38 0.35
CA ASN A 106 6.30 -13.76 0.33
C ASN A 106 7.03 -12.82 -0.62
N ASN A 107 6.34 -11.75 -1.02
CA ASN A 107 6.90 -10.79 -1.95
C ASN A 107 6.85 -9.39 -1.36
N PHE A 108 6.95 -8.39 -2.22
CA PHE A 108 6.92 -7.00 -1.77
C PHE A 108 5.50 -6.55 -1.43
N ARG A 109 4.51 -7.27 -1.93
CA ARG A 109 3.12 -7.03 -1.54
C ARG A 109 2.97 -7.18 -0.02
N GLU A 110 2.62 -6.08 0.63
CA GLU A 110 1.82 -6.14 1.86
C GLU A 110 1.02 -7.43 1.97
N TYR A 111 0.99 -7.94 3.16
CA TYR A 111 2.00 -7.83 4.21
C TYR A 111 2.89 -9.08 4.22
N ASN A 112 4.25 -8.93 4.16
CA ASN A 112 5.14 -10.08 4.01
C ASN A 112 5.33 -10.82 5.34
N LEU A 113 4.83 -12.05 5.39
CA LEU A 113 4.87 -12.83 6.61
C LEU A 113 6.21 -12.84 7.35
N HIS A 114 7.30 -12.98 6.62
CA HIS A 114 8.61 -13.01 7.25
C HIS A 114 8.85 -11.72 8.05
N ARG A 115 8.61 -10.59 7.41
CA ARG A 115 8.78 -9.28 8.03
C ARG A 115 7.93 -9.11 9.31
N VAL A 116 6.64 -9.38 9.22
CA VAL A 116 5.78 -9.24 10.40
C VAL A 116 6.15 -10.23 11.52
N ALA A 117 6.48 -11.47 11.15
CA ALA A 117 6.86 -12.50 12.13
C ALA A 117 8.17 -12.15 12.84
N ALA A 118 9.13 -11.60 12.09
CA ALA A 118 10.40 -11.22 12.70
C ALA A 118 10.13 -10.25 13.85
N HIS A 119 9.19 -9.34 13.62
CA HIS A 119 8.77 -8.32 14.58
C HIS A 119 8.02 -8.91 15.77
N ALA A 120 7.05 -9.77 15.48
CA ALA A 120 6.26 -10.39 16.53
C ALA A 120 7.11 -11.23 17.48
N LEU A 121 8.00 -12.03 16.90
CA LEU A 121 8.89 -12.87 17.68
C LEU A 121 9.76 -12.01 18.61
N GLY A 122 9.91 -10.74 18.26
CA GLY A 122 10.66 -9.84 19.12
C GLY A 122 9.90 -9.75 20.44
N HIS A 123 8.62 -9.44 20.38
CA HIS A 123 7.81 -9.37 21.58
C HIS A 123 7.81 -10.74 22.26
N SER A 124 7.91 -11.79 21.46
CA SER A 124 7.92 -13.14 22.02
C SER A 124 9.15 -13.42 22.88
N LEU A 125 10.21 -12.65 22.67
CA LEU A 125 11.46 -12.82 23.43
C LEU A 125 11.65 -11.80 24.56
N GLY A 126 10.78 -10.78 24.60
CA GLY A 126 10.90 -9.80 25.66
C GLY A 126 11.14 -8.35 25.27
N LEU A 127 11.15 -8.05 23.97
CA LEU A 127 11.35 -6.67 23.54
C LEU A 127 10.02 -5.95 23.32
N SER A 128 10.02 -4.64 23.55
CA SER A 128 8.83 -3.86 23.30
C SER A 128 9.13 -2.97 22.13
N HIS A 129 8.28 -1.99 21.91
CA HIS A 129 8.49 -1.08 20.80
C HIS A 129 9.61 -0.10 20.99
N SER A 130 10.41 0.06 19.93
CA SER A 130 11.53 0.97 19.93
C SER A 130 11.09 2.28 19.30
N THR A 131 11.77 3.37 19.66
CA THR A 131 11.45 4.67 19.09
C THR A 131 12.47 5.00 18.01
N ASP A 132 13.24 3.98 17.63
CA ASP A 132 14.25 4.14 16.59
C ASP A 132 13.58 3.75 15.28
N ILE A 133 13.35 4.75 14.43
CA ILE A 133 12.68 4.56 13.13
C ILE A 133 13.32 3.47 12.26
N GLY A 134 14.59 3.18 12.50
CA GLY A 134 15.27 2.18 11.71
C GLY A 134 15.23 0.78 12.29
N ALA A 135 14.72 0.67 13.51
CA ALA A 135 14.62 -0.63 14.18
C ALA A 135 13.49 -1.54 13.73
N LEU A 136 13.74 -2.83 13.75
CA LEU A 136 12.73 -3.81 13.39
C LEU A 136 11.58 -3.72 14.39
N MET A 137 11.91 -3.42 15.65
CA MET A 137 10.90 -3.31 16.69
C MET A 137 10.12 -2.00 16.69
N TYR A 138 10.41 -1.12 15.74
CA TYR A 138 9.69 0.14 15.62
C TYR A 138 8.22 -0.22 15.32
N PRO A 139 7.27 0.54 15.87
CA PRO A 139 5.85 0.25 15.66
C PRO A 139 5.30 0.63 14.29
N SER A 140 5.53 -0.20 13.28
CA SER A 140 5.03 0.11 11.94
C SER A 140 5.33 -1.03 11.00
N TYR A 141 5.17 -0.76 9.70
CA TYR A 141 5.44 -1.76 8.70
C TYR A 141 6.09 -1.13 7.48
N THR A 142 7.40 -1.35 7.37
CA THR A 142 8.15 -0.83 6.24
C THR A 142 8.80 -2.06 5.63
N PHE A 143 9.04 -2.04 4.32
CA PHE A 143 9.67 -3.20 3.71
C PHE A 143 10.75 -2.84 2.71
N SER A 144 11.98 -2.95 3.17
CA SER A 144 13.15 -2.65 2.37
C SER A 144 13.63 -3.93 1.68
N GLY A 145 12.66 -4.73 1.22
CA GLY A 145 12.95 -5.99 0.53
C GLY A 145 14.03 -6.89 1.13
N ASP A 146 14.37 -6.65 2.39
CA ASP A 146 15.39 -7.45 3.04
C ASP A 146 15.34 -7.23 4.53
N VAL A 147 14.65 -8.13 5.23
CA VAL A 147 14.50 -8.02 6.66
C VAL A 147 15.78 -8.28 7.42
N GLN A 148 16.16 -7.35 8.29
CA GLN A 148 17.37 -7.49 9.10
C GLN A 148 17.28 -6.70 10.39
N LEU A 149 18.08 -7.10 11.38
CA LEU A 149 18.09 -6.45 12.67
C LEU A 149 18.92 -5.18 12.64
N ALA A 150 18.39 -4.10 13.18
CA ALA A 150 19.16 -2.87 13.22
C ALA A 150 20.05 -2.97 14.46
N GLN A 151 21.14 -2.20 14.50
CA GLN A 151 22.02 -2.25 15.66
C GLN A 151 21.21 -2.08 16.94
N ASP A 152 20.20 -1.19 16.89
CA ASP A 152 19.35 -0.97 18.05
C ASP A 152 18.66 -2.25 18.52
N ASP A 153 18.22 -3.06 17.57
CA ASP A 153 17.54 -4.32 17.89
C ASP A 153 18.48 -5.31 18.57
N ILE A 154 19.70 -5.39 18.07
CA ILE A 154 20.69 -6.30 18.63
C ILE A 154 20.97 -5.89 20.08
N ASP A 155 21.22 -4.61 20.31
CA ASP A 155 21.50 -4.13 21.65
C ASP A 155 20.36 -4.46 22.58
N GLY A 156 19.13 -4.31 22.08
CA GLY A 156 17.98 -4.61 22.91
C GLY A 156 17.92 -6.08 23.30
N ILE A 157 18.06 -6.97 22.32
CA ILE A 157 17.99 -8.40 22.58
C ILE A 157 19.21 -8.93 23.37
N GLN A 158 20.39 -8.39 23.11
CA GLN A 158 21.56 -8.84 23.85
C GLN A 158 21.48 -8.41 25.31
N ALA A 159 20.79 -7.30 25.57
CA ALA A 159 20.66 -6.79 26.92
C ALA A 159 19.83 -7.74 27.78
N ILE A 160 19.04 -8.58 27.14
CA ILE A 160 18.22 -9.54 27.87
C ILE A 160 18.86 -10.93 27.97
N TYR A 161 19.58 -11.35 26.93
CA TYR A 161 20.16 -12.69 26.89
C TYR A 161 21.69 -12.81 26.78
N GLY A 162 22.39 -11.70 26.58
CA GLY A 162 23.83 -11.76 26.42
C GLY A 162 24.10 -11.74 24.94
N ARG A 163 25.36 -11.59 24.54
CA ARG A 163 25.67 -11.55 23.11
C ARG A 163 25.87 -12.89 22.41
N SER A 164 26.02 -12.81 21.10
CA SER A 164 26.21 -13.99 20.26
C SER A 164 27.41 -14.78 20.74
N GLN A 165 27.35 -16.10 20.66
CA GLN A 165 28.50 -16.89 21.07
C GLN A 165 29.46 -16.93 19.89
N ASN A 166 29.14 -16.13 18.88
CA ASN A 166 29.95 -16.00 17.67
C ASN A 166 31.26 -15.31 18.08
N PRO A 167 32.38 -15.73 17.50
CA PRO A 167 33.63 -15.08 17.89
C PRO A 167 33.73 -13.67 17.29
N VAL A 168 33.02 -13.44 16.19
CA VAL A 168 33.07 -12.14 15.51
C VAL A 168 32.04 -11.09 15.98
N GLN A 169 30.84 -11.53 16.35
CA GLN A 169 29.77 -10.64 16.82
C GLN A 169 29.14 -9.88 15.66
N PRO A 170 27.93 -10.27 15.27
CA PRO A 170 27.25 -9.59 14.16
C PRO A 170 26.92 -8.14 14.50
N ILE A 171 26.88 -7.30 13.48
CA ILE A 171 26.51 -5.91 13.68
C ILE A 171 25.30 -5.62 12.80
N GLY A 172 24.62 -4.52 13.09
CA GLY A 172 23.46 -4.14 12.31
C GLY A 172 23.55 -2.67 11.99
N PRO A 173 22.92 -2.21 10.90
CA PRO A 173 22.96 -0.79 10.51
C PRO A 173 22.46 0.14 11.60
N GLN A 174 23.11 1.28 11.74
CA GLN A 174 22.71 2.27 12.72
C GLN A 174 21.96 3.35 11.98
N THR A 175 20.95 3.90 12.65
CA THR A 175 20.14 4.95 12.04
C THR A 175 20.85 6.28 12.11
N PRO A 176 21.03 6.93 10.96
CA PRO A 176 21.71 8.22 10.97
C PRO A 176 20.91 9.25 11.77
N LYS A 177 21.63 10.17 12.41
CA LYS A 177 21.01 11.24 13.20
C LYS A 177 21.40 12.56 12.56
N ALA A 178 20.46 13.49 12.45
CA ALA A 178 20.74 14.77 11.82
C ALA A 178 21.61 15.70 12.65
N CYS A 179 21.64 15.51 13.96
CA CYS A 179 22.45 16.41 14.78
C CYS A 179 23.80 15.88 15.20
N ASP A 180 24.22 14.82 14.53
CA ASP A 180 25.51 14.23 14.78
C ASP A 180 26.46 14.96 13.82
N SER A 181 27.49 15.60 14.35
CA SER A 181 28.43 16.33 13.51
C SER A 181 29.43 15.39 12.82
N LYS A 182 29.23 14.09 13.03
CA LYS A 182 30.09 13.09 12.42
C LYS A 182 29.40 12.53 11.17
N LEU A 183 28.19 13.03 10.90
CA LEU A 183 27.40 12.60 9.75
C LEU A 183 28.05 12.83 8.39
N THR A 184 27.95 11.81 7.53
CA THR A 184 28.49 11.89 6.16
C THR A 184 27.42 11.36 5.21
N PHE A 185 27.53 11.67 3.92
CA PHE A 185 26.51 11.24 2.98
C PHE A 185 26.99 10.38 1.81
N ASP A 186 26.13 9.45 1.39
CA ASP A 186 26.43 8.57 0.24
C ASP A 186 26.13 9.35 -1.03
N ALA A 187 25.09 10.18 -0.99
CA ALA A 187 24.71 10.98 -2.14
C ALA A 187 23.67 12.01 -1.76
N ILE A 188 23.53 13.03 -2.59
CA ILE A 188 22.55 14.09 -2.33
C ILE A 188 21.94 14.61 -3.62
N THR A 189 20.65 14.92 -3.58
CA THR A 189 19.99 15.49 -4.75
C THR A 189 18.92 16.45 -4.30
N THR A 190 18.58 17.38 -5.18
CA THR A 190 17.52 18.35 -4.93
C THR A 190 16.26 17.80 -5.59
N ILE A 191 15.09 18.17 -5.09
CA ILE A 191 13.85 17.70 -5.68
C ILE A 191 12.71 18.65 -5.33
N ARG A 192 12.15 19.27 -6.37
CA ARG A 192 11.05 20.22 -6.21
C ARG A 192 11.21 21.17 -5.03
N GLY A 193 12.35 21.85 -5.00
CA GLY A 193 12.62 22.82 -3.96
C GLY A 193 13.23 22.33 -2.66
N GLU A 194 13.28 21.02 -2.48
CA GLU A 194 13.85 20.46 -1.26
C GLU A 194 15.19 19.82 -1.58
N VAL A 195 15.96 19.58 -0.53
CA VAL A 195 17.25 18.94 -0.67
C VAL A 195 17.07 17.58 0.01
N MET A 196 17.47 16.51 -0.67
CA MET A 196 17.31 15.17 -0.12
C MET A 196 18.63 14.44 0.07
N PHE A 197 19.05 14.26 1.32
CA PHE A 197 20.32 13.59 1.63
C PHE A 197 20.10 12.10 1.79
N PHE A 198 21.04 11.31 1.27
CA PHE A 198 20.92 9.86 1.36
C PHE A 198 22.06 9.26 2.17
N LYS A 199 21.72 8.27 2.99
CA LYS A 199 22.69 7.60 3.84
C LYS A 199 22.19 6.20 4.17
N ASP A 200 22.80 5.20 3.55
CA ASP A 200 22.41 3.79 3.75
C ASP A 200 20.98 3.53 3.28
N ARG A 201 20.14 2.98 4.15
CA ARG A 201 18.75 2.70 3.80
C ARG A 201 17.89 3.96 3.98
N PHE A 202 18.45 5.01 4.55
CA PHE A 202 17.68 6.22 4.81
C PHE A 202 17.90 7.44 3.96
N TYR A 203 17.07 8.44 4.20
CA TYR A 203 17.14 9.74 3.51
C TYR A 203 16.70 10.81 4.49
N MET A 204 17.21 12.02 4.29
CA MET A 204 16.88 13.17 5.12
C MET A 204 16.46 14.26 4.16
N ARG A 205 15.21 14.71 4.25
CA ARG A 205 14.71 15.75 3.36
C ARG A 205 14.45 17.10 4.06
N THR A 206 14.80 18.19 3.37
CA THR A 206 14.65 19.52 3.94
C THR A 206 14.38 20.62 2.94
N ASN A 207 13.59 21.60 3.38
CA ASN A 207 13.45 22.87 2.66
C ASN A 207 14.19 23.98 3.38
N PRO A 208 15.20 24.51 2.70
CA PRO A 208 16.31 25.23 3.36
C PRO A 208 15.69 26.54 3.90
N PHE A 209 14.55 26.93 3.34
CA PHE A 209 13.87 28.14 3.78
C PHE A 209 13.15 27.99 5.12
N TYR A 210 12.86 26.75 5.51
CA TYR A 210 12.18 26.46 6.77
C TYR A 210 12.68 25.13 7.36
N PRO A 211 13.94 25.10 7.84
CA PRO A 211 14.55 23.90 8.43
C PRO A 211 13.66 23.05 9.30
N GLU A 212 13.25 21.87 8.79
CA GLU A 212 12.46 20.85 9.57
C GLU A 212 12.71 19.51 8.79
N VAL A 213 13.46 18.63 9.45
CA VAL A 213 14.04 17.46 8.83
C VAL A 213 13.09 16.28 8.84
N GLU A 214 13.06 15.56 7.72
CA GLU A 214 12.20 14.40 7.59
C GLU A 214 13.15 13.23 7.37
N LEU A 215 13.06 12.22 8.24
CA LEU A 215 13.91 11.03 8.14
C LEU A 215 13.09 9.78 7.91
N ASN A 216 13.48 8.98 6.92
CA ASN A 216 12.75 7.74 6.62
C ASN A 216 13.46 6.87 5.59
N PHE A 217 12.95 5.65 5.38
CA PHE A 217 13.55 4.73 4.41
C PHE A 217 13.37 5.18 2.98
N ILE A 218 14.41 5.01 2.19
CA ILE A 218 14.34 5.37 0.79
C ILE A 218 13.21 4.56 0.17
N SER A 219 13.00 3.36 0.70
CA SER A 219 11.96 2.48 0.20
C SER A 219 10.55 3.04 0.41
N VAL A 220 10.41 4.06 1.26
CA VAL A 220 9.10 4.66 1.48
C VAL A 220 8.64 5.33 0.19
N PHE A 221 9.61 5.80 -0.60
CA PHE A 221 9.28 6.44 -1.87
C PHE A 221 9.63 5.61 -3.10
N TRP A 222 10.79 4.98 -3.09
CA TRP A 222 11.22 4.21 -4.25
C TRP A 222 11.69 2.82 -3.86
N PRO A 223 10.74 1.90 -3.60
CA PRO A 223 10.97 0.51 -3.21
C PRO A 223 11.84 -0.31 -4.15
N GLN A 224 11.86 0.06 -5.43
CA GLN A 224 12.64 -0.68 -6.41
C GLN A 224 14.13 -0.48 -6.24
N LEU A 225 14.54 0.76 -5.98
CA LEU A 225 15.95 1.08 -5.81
C LEU A 225 16.66 0.13 -4.86
N PRO A 226 17.95 -0.14 -5.12
CA PRO A 226 18.74 -1.04 -4.28
C PRO A 226 19.33 -0.19 -3.17
N ASN A 227 19.25 -0.65 -1.93
CA ASN A 227 19.80 0.14 -0.84
C ASN A 227 21.30 0.27 -1.02
N GLY A 228 21.81 1.49 -0.80
CA GLY A 228 23.23 1.75 -0.96
C GLY A 228 23.50 2.62 -2.18
N LEU A 229 22.89 3.79 -2.23
CA LEU A 229 23.10 4.70 -3.35
C LEU A 229 24.48 5.34 -3.28
N GLU A 230 25.04 5.67 -4.44
CA GLU A 230 26.36 6.27 -4.50
C GLU A 230 26.37 7.70 -5.03
N ALA A 231 25.41 8.03 -5.89
CA ALA A 231 25.28 9.36 -6.46
C ALA A 231 23.84 9.59 -6.95
N ALA A 232 23.49 10.84 -7.24
CA ALA A 232 22.14 11.14 -7.70
C ALA A 232 21.96 12.63 -8.02
N TYR A 233 21.05 12.94 -8.95
CA TYR A 233 20.80 14.32 -9.31
C TYR A 233 19.43 14.50 -9.95
N GLU A 234 18.92 15.72 -9.89
CA GLU A 234 17.61 16.03 -10.44
C GLU A 234 17.73 16.65 -11.82
N PHE A 235 16.75 16.37 -12.67
CA PHE A 235 16.74 16.92 -14.02
C PHE A 235 15.31 17.43 -14.22
N ALA A 236 14.99 18.48 -13.48
CA ALA A 236 13.67 19.10 -13.52
C ALA A 236 13.16 19.37 -14.93
N ASP A 237 14.07 19.32 -15.90
CA ASP A 237 13.68 19.53 -17.28
C ASP A 237 12.68 18.47 -17.69
N ARG A 238 12.90 17.26 -17.21
CA ARG A 238 12.04 16.13 -17.49
C ARG A 238 11.30 15.76 -16.20
N ASP A 239 11.65 16.48 -15.12
CA ASP A 239 11.06 16.27 -13.81
C ASP A 239 11.41 14.90 -13.24
N GLU A 240 12.60 14.41 -13.56
CA GLU A 240 13.04 13.10 -13.09
C GLU A 240 14.19 13.27 -12.10
N VAL A 241 14.59 12.16 -11.50
CA VAL A 241 15.70 12.16 -10.56
C VAL A 241 16.44 10.87 -10.83
N ARG A 242 17.74 10.96 -11.08
CA ARG A 242 18.52 9.76 -11.39
C ARG A 242 19.46 9.33 -10.26
N PHE A 243 19.44 8.03 -9.97
CA PHE A 243 20.27 7.41 -8.92
C PHE A 243 21.27 6.45 -9.52
N PHE A 244 22.49 6.46 -9.01
CA PHE A 244 23.53 5.57 -9.50
C PHE A 244 24.00 4.62 -8.43
N LYS A 245 24.22 3.37 -8.82
CA LYS A 245 24.69 2.33 -7.92
C LYS A 245 25.42 1.30 -8.76
N GLY A 246 26.57 0.85 -8.27
CA GLY A 246 27.33 -0.13 -9.03
C GLY A 246 27.80 0.47 -10.34
N ASN A 247 27.09 0.22 -11.43
CA ASN A 247 27.46 0.75 -12.74
C ASN A 247 26.21 0.99 -13.59
N LYS A 248 25.05 0.73 -13.00
CA LYS A 248 23.81 0.95 -13.71
C LYS A 248 23.14 2.14 -13.08
N TYR A 249 22.14 2.72 -13.74
CA TYR A 249 21.48 3.88 -13.16
C TYR A 249 19.97 3.89 -13.33
N TRP A 250 19.26 4.05 -12.21
CA TRP A 250 17.81 4.08 -12.21
C TRP A 250 17.30 5.51 -12.38
N ALA A 251 16.20 5.65 -13.10
CA ALA A 251 15.59 6.96 -13.29
C ALA A 251 14.24 6.84 -12.61
N VAL A 252 13.69 7.96 -12.17
CA VAL A 252 12.40 7.91 -11.50
C VAL A 252 11.56 9.14 -11.79
N GLN A 253 10.25 8.95 -11.82
CA GLN A 253 9.32 10.02 -12.06
C GLN A 253 8.25 9.86 -10.99
N GLY A 254 7.96 10.94 -10.26
CA GLY A 254 6.99 10.84 -9.20
C GLY A 254 7.53 9.88 -8.15
N GLN A 255 6.89 8.72 -8.01
CA GLN A 255 7.30 7.71 -7.04
C GLN A 255 7.42 6.30 -7.63
N ASN A 256 7.79 6.21 -8.90
CA ASN A 256 7.93 4.90 -9.53
C ASN A 256 9.10 4.85 -10.51
N VAL A 257 9.91 3.79 -10.40
CA VAL A 257 11.06 3.61 -11.27
C VAL A 257 10.59 3.49 -12.71
N LEU A 258 10.98 4.45 -13.54
CA LEU A 258 10.60 4.46 -14.94
C LEU A 258 10.84 3.13 -15.66
N HIS A 259 10.12 2.98 -16.76
CA HIS A 259 10.17 1.80 -17.64
C HIS A 259 11.59 1.43 -18.07
N GLY A 260 11.85 0.12 -18.13
CA GLY A 260 13.16 -0.33 -18.58
C GLY A 260 14.30 -0.21 -17.59
N TYR A 261 14.48 0.97 -17.00
CA TYR A 261 15.56 1.15 -16.04
C TYR A 261 15.48 0.04 -15.00
N PRO A 262 16.61 -0.30 -14.38
CA PRO A 262 17.94 0.28 -14.59
C PRO A 262 18.44 0.26 -16.03
N LYS A 263 19.63 0.81 -16.22
CA LYS A 263 20.28 0.88 -17.52
C LYS A 263 21.78 1.05 -17.26
N ASP A 264 22.59 0.68 -18.25
CA ASP A 264 24.03 0.80 -18.09
C ASP A 264 24.47 2.24 -18.21
N ILE A 265 25.55 2.58 -17.50
CA ILE A 265 26.09 3.94 -17.54
C ILE A 265 26.82 4.20 -18.86
N TYR A 266 27.55 3.18 -19.31
CA TYR A 266 28.33 3.23 -20.55
C TYR A 266 27.44 3.48 -21.75
N SER A 267 26.38 2.70 -21.87
CA SER A 267 25.44 2.83 -22.97
C SER A 267 24.51 4.03 -22.83
N SER A 268 24.31 4.49 -21.60
CA SER A 268 23.42 5.62 -21.34
C SER A 268 24.08 7.00 -21.33
N PHE A 269 25.29 7.07 -20.78
CA PHE A 269 26.02 8.33 -20.72
C PHE A 269 27.32 8.31 -21.51
N GLY A 270 27.79 7.12 -21.86
CA GLY A 270 29.02 7.01 -22.62
C GLY A 270 30.22 7.20 -21.73
N PHE A 271 30.50 6.20 -20.90
CA PHE A 271 31.64 6.29 -20.01
C PHE A 271 32.52 5.07 -20.18
N PRO A 272 33.84 5.26 -20.36
CA PRO A 272 34.79 4.16 -20.52
C PRO A 272 34.58 3.03 -19.52
N ARG A 273 34.45 1.81 -20.03
CA ARG A 273 34.23 0.63 -19.20
C ARG A 273 35.23 0.45 -18.07
N THR A 274 36.16 1.40 -17.96
CA THR A 274 37.18 1.38 -16.92
C THR A 274 36.59 1.79 -15.57
N VAL A 275 35.65 2.74 -15.60
CA VAL A 275 35.00 3.25 -14.40
C VAL A 275 34.06 2.22 -13.78
N LYS A 276 34.41 1.75 -12.57
CA LYS A 276 33.60 0.76 -11.87
C LYS A 276 32.26 1.34 -11.42
N HIS A 277 32.32 2.46 -10.67
CA HIS A 277 31.10 3.11 -10.18
C HIS A 277 31.17 4.64 -10.27
N ILE A 278 30.42 5.31 -9.40
CA ILE A 278 30.41 6.78 -9.38
C ILE A 278 30.32 7.30 -7.95
N ASP A 279 30.97 8.43 -7.70
CA ASP A 279 30.98 9.02 -6.36
C ASP A 279 29.93 10.10 -6.12
N ALA A 280 29.66 10.93 -7.13
CA ALA A 280 28.69 12.01 -6.95
C ALA A 280 28.34 12.69 -8.27
N ALA A 281 27.17 13.32 -8.32
CA ALA A 281 26.75 13.99 -9.55
C ALA A 281 25.84 15.19 -9.33
N LEU A 282 25.98 16.21 -10.19
CA LEU A 282 25.11 17.39 -10.09
C LEU A 282 24.80 17.88 -11.51
N SER A 283 23.84 18.79 -11.61
CA SER A 283 23.45 19.35 -12.90
C SER A 283 23.22 20.85 -12.77
N GLU A 284 23.77 21.63 -13.68
CA GLU A 284 23.63 23.08 -13.62
C GLU A 284 22.22 23.60 -13.85
N GLU A 285 21.74 24.38 -12.89
CA GLU A 285 20.41 24.96 -12.92
C GLU A 285 19.74 25.02 -14.28
N ASN A 286 20.39 25.71 -15.22
CA ASN A 286 19.87 25.84 -16.56
C ASN A 286 21.00 26.13 -17.53
N THR A 287 21.85 25.14 -17.73
CA THR A 287 22.98 25.27 -18.64
C THR A 287 23.07 23.99 -19.45
N GLY A 288 22.48 22.92 -18.93
CA GLY A 288 22.50 21.66 -19.63
C GLY A 288 23.70 20.79 -19.34
N LYS A 289 24.67 21.32 -18.60
CA LYS A 289 25.86 20.54 -18.28
C LYS A 289 25.69 19.78 -16.96
N THR A 290 26.04 18.50 -16.96
CA THR A 290 25.94 17.67 -15.78
C THR A 290 27.32 17.12 -15.43
N TYR A 291 27.77 17.36 -14.21
CA TYR A 291 29.09 16.91 -13.78
C TYR A 291 29.06 15.63 -12.96
N PHE A 292 29.84 14.64 -13.40
CA PHE A 292 29.93 13.36 -12.71
C PHE A 292 31.32 13.28 -12.09
N PHE A 293 31.41 12.71 -10.91
CA PHE A 293 32.69 12.60 -10.22
C PHE A 293 33.07 11.16 -9.90
N VAL A 294 34.27 10.78 -10.30
CA VAL A 294 34.76 9.44 -10.03
C VAL A 294 36.15 9.61 -9.46
N ALA A 295 36.53 8.78 -8.54
CA ALA A 295 37.85 8.90 -8.01
C ALA A 295 38.22 10.33 -7.74
N ASN A 296 39.31 10.74 -8.33
CA ASN A 296 39.87 12.09 -8.30
C ASN A 296 39.74 12.80 -9.64
N LYS A 297 39.01 12.18 -10.56
CA LYS A 297 38.81 12.77 -11.87
C LYS A 297 37.33 13.09 -12.02
N TYR A 298 37.00 13.91 -13.01
CA TYR A 298 35.61 14.28 -13.23
C TYR A 298 35.31 14.31 -14.72
N TRP A 299 34.02 14.25 -15.06
CA TRP A 299 33.58 14.28 -16.46
C TRP A 299 32.34 15.14 -16.60
N ARG A 300 32.14 15.67 -17.79
CA ARG A 300 30.95 16.48 -18.03
C ARG A 300 30.17 15.82 -19.16
N TYR A 301 28.85 15.86 -19.04
CA TYR A 301 27.96 15.27 -20.02
C TYR A 301 26.88 16.30 -20.34
N ASP A 302 26.54 16.41 -21.62
CA ASP A 302 25.50 17.35 -22.02
C ASP A 302 24.19 16.60 -22.16
N GLU A 303 23.18 17.00 -21.40
CA GLU A 303 21.89 16.35 -21.48
C GLU A 303 21.22 16.63 -22.81
N TYR A 304 21.25 17.90 -23.23
CA TYR A 304 20.64 18.34 -24.49
C TYR A 304 21.44 17.88 -25.71
N LYS A 305 22.19 16.80 -25.56
CA LYS A 305 22.98 16.27 -26.67
C LYS A 305 23.32 14.82 -26.39
N ARG A 306 22.64 14.23 -25.41
CA ARG A 306 22.85 12.84 -25.02
C ARG A 306 24.31 12.43 -25.26
N SER A 307 25.24 13.29 -24.86
CA SER A 307 26.66 13.01 -25.05
C SER A 307 27.57 13.90 -24.21
N MET A 308 28.74 13.36 -23.86
CA MET A 308 29.77 14.07 -23.10
C MET A 308 30.27 15.27 -23.90
N ASP A 309 31.49 15.70 -23.59
CA ASP A 309 32.11 16.83 -24.26
C ASP A 309 33.54 16.46 -24.60
N PRO A 310 34.12 17.12 -25.61
CA PRO A 310 35.49 16.87 -26.05
C PRO A 310 36.45 16.57 -24.90
N GLY A 311 37.06 15.39 -24.95
CA GLY A 311 38.01 14.96 -23.92
C GLY A 311 37.73 15.57 -22.56
N TYR A 312 37.01 14.83 -21.72
CA TYR A 312 36.69 15.33 -20.40
C TYR A 312 37.21 14.59 -19.18
N PRO A 313 38.02 13.53 -19.37
CA PRO A 313 38.50 12.86 -18.15
C PRO A 313 39.51 13.79 -17.45
N LYS A 314 39.03 14.95 -16.98
CA LYS A 314 39.85 15.96 -16.32
C LYS A 314 40.05 15.77 -14.82
N MET A 315 40.81 16.68 -14.22
CA MET A 315 41.10 16.61 -12.79
C MET A 315 40.18 17.43 -11.90
N ILE A 316 39.94 16.91 -10.70
CA ILE A 316 39.08 17.60 -9.74
C ILE A 316 39.89 18.69 -9.07
N ALA A 317 40.91 18.26 -8.34
CA ALA A 317 41.78 19.17 -7.60
C ALA A 317 42.26 20.35 -8.44
N HIS A 318 42.23 20.18 -9.76
CA HIS A 318 42.69 21.23 -10.64
C HIS A 318 41.64 22.27 -10.99
N ASP A 319 40.44 21.82 -11.35
CA ASP A 319 39.37 22.73 -11.75
C ASP A 319 38.42 23.13 -10.62
N PHE A 320 38.56 22.48 -9.47
CA PHE A 320 37.74 22.77 -8.30
C PHE A 320 38.70 22.95 -7.12
N PRO A 321 39.50 24.02 -7.17
CA PRO A 321 40.49 24.33 -6.14
C PRO A 321 39.87 24.48 -4.77
N GLY A 322 40.39 23.72 -3.81
CA GLY A 322 39.88 23.83 -2.45
C GLY A 322 39.11 22.66 -1.89
N ILE A 323 38.29 21.98 -2.70
CA ILE A 323 37.50 20.85 -2.19
C ILE A 323 38.29 19.56 -2.00
N GLY A 324 39.52 19.54 -2.50
CA GLY A 324 40.33 18.34 -2.37
C GLY A 324 40.29 17.54 -3.66
N HIS A 325 40.48 16.23 -3.56
CA HIS A 325 40.47 15.37 -4.75
C HIS A 325 39.52 14.17 -4.68
N LYS A 326 38.38 14.35 -4.02
CA LYS A 326 37.38 13.29 -3.92
C LYS A 326 36.08 13.85 -3.37
N VAL A 327 35.00 13.57 -4.10
CA VAL A 327 33.69 14.05 -3.71
C VAL A 327 32.82 12.91 -3.18
N ASP A 328 32.14 13.15 -2.05
CA ASP A 328 31.26 12.17 -1.42
C ASP A 328 29.84 12.36 -1.97
N ALA A 329 29.48 13.62 -2.18
CA ALA A 329 28.17 13.97 -2.71
C ALA A 329 28.24 15.43 -3.08
N VAL A 330 27.27 15.89 -3.86
CA VAL A 330 27.21 17.27 -4.29
C VAL A 330 25.85 17.58 -4.88
N PHE A 331 25.37 18.81 -4.68
CA PHE A 331 24.09 19.22 -5.23
C PHE A 331 24.23 20.70 -5.49
N MET A 332 23.34 21.25 -6.32
CA MET A 332 23.40 22.67 -6.64
C MET A 332 22.20 23.40 -6.06
N LYS A 333 22.42 24.64 -5.62
CA LYS A 333 21.37 25.45 -5.05
C LYS A 333 21.73 26.91 -5.27
N ASP A 334 20.75 27.69 -5.70
CA ASP A 334 20.92 29.12 -5.97
C ASP A 334 22.23 29.48 -6.67
N GLY A 335 22.63 28.67 -7.63
CA GLY A 335 23.84 28.95 -8.38
C GLY A 335 25.15 28.48 -7.78
N PHE A 336 25.12 27.93 -6.58
CA PHE A 336 26.34 27.45 -5.94
C PHE A 336 26.38 25.94 -5.89
N PHE A 337 27.57 25.37 -6.01
CA PHE A 337 27.72 23.92 -5.90
C PHE A 337 28.04 23.63 -4.45
N TYR A 338 27.38 22.63 -3.87
CA TYR A 338 27.68 22.28 -2.50
C TYR A 338 28.36 20.91 -2.48
N PHE A 339 29.66 20.90 -2.25
CA PHE A 339 30.46 19.68 -2.21
C PHE A 339 30.58 19.08 -0.82
N PHE A 340 30.48 17.75 -0.75
CA PHE A 340 30.59 17.04 0.51
C PHE A 340 31.66 15.97 0.40
N HIS A 341 32.50 15.90 1.42
CA HIS A 341 33.57 14.92 1.49
C HIS A 341 33.71 14.67 2.98
N GLY A 342 33.31 13.48 3.41
CA GLY A 342 33.36 13.18 4.83
C GLY A 342 32.46 14.19 5.52
N THR A 343 32.87 14.65 6.69
CA THR A 343 32.06 15.62 7.42
C THR A 343 32.32 17.04 6.94
N ARG A 344 33.12 17.19 5.88
CA ARG A 344 33.44 18.52 5.33
C ARG A 344 32.49 18.93 4.20
N GLN A 345 32.18 20.22 4.13
CA GLN A 345 31.27 20.74 3.10
C GLN A 345 31.75 22.07 2.54
N TYR A 346 32.10 22.10 1.26
CA TYR A 346 32.59 23.32 0.63
C TYR A 346 31.56 23.97 -0.27
N LYS A 347 31.27 25.24 -0.05
CA LYS A 347 30.32 25.96 -0.89
C LYS A 347 31.16 26.57 -2.01
N PHE A 348 31.08 25.98 -3.19
CA PHE A 348 31.86 26.42 -4.33
C PHE A 348 31.12 27.32 -5.29
N ASP A 349 31.78 28.37 -5.77
CA ASP A 349 31.17 29.29 -6.73
C ASP A 349 31.71 28.98 -8.12
N PRO A 350 30.83 28.51 -9.02
CA PRO A 350 31.19 28.15 -10.40
C PRO A 350 31.84 29.31 -11.18
N LYS A 351 31.21 30.48 -11.10
CA LYS A 351 31.70 31.68 -11.78
C LYS A 351 33.15 32.03 -11.41
N THR A 352 33.40 32.22 -10.12
CA THR A 352 34.72 32.58 -9.66
C THR A 352 35.61 31.40 -9.32
N LYS A 353 35.17 30.18 -9.66
CA LYS A 353 35.96 28.97 -9.35
C LYS A 353 36.58 29.17 -7.97
N ARG A 354 35.78 29.74 -7.08
CA ARG A 354 36.18 30.11 -5.72
C ARG A 354 35.39 29.38 -4.63
N ILE A 355 35.96 29.31 -3.42
CA ILE A 355 35.32 28.66 -2.28
C ILE A 355 34.88 29.74 -1.30
N LEU A 356 33.57 29.83 -1.04
CA LEU A 356 33.04 30.85 -0.14
C LEU A 356 32.94 30.40 1.31
N THR A 357 32.39 29.22 1.54
CA THR A 357 32.27 28.73 2.89
C THR A 357 32.72 27.28 3.04
N LEU A 358 33.16 26.95 4.25
CA LEU A 358 33.60 25.61 4.58
C LEU A 358 32.98 25.15 5.90
N GLN A 359 31.95 24.31 5.78
CA GLN A 359 31.07 23.98 6.89
C GLN A 359 31.12 22.48 7.24
N LYS A 360 30.27 22.08 8.16
CA LYS A 360 30.17 20.67 8.54
C LYS A 360 29.12 20.03 7.60
N ALA A 361 29.25 18.74 7.33
CA ALA A 361 28.32 18.06 6.44
C ALA A 361 26.84 18.24 6.83
N ASN A 362 26.55 18.32 8.13
CA ASN A 362 25.18 18.44 8.62
C ASN A 362 24.78 19.86 9.00
N SER A 363 25.57 20.84 8.57
CA SER A 363 25.31 22.24 8.91
C SER A 363 23.95 22.79 8.50
N TRP A 364 23.30 22.17 7.52
CA TRP A 364 22.00 22.64 7.07
C TRP A 364 20.90 22.36 8.10
N PHE A 365 21.08 21.33 8.90
CA PHE A 365 20.08 20.96 9.88
C PHE A 365 20.08 21.84 11.12
N ASN A 366 18.91 21.97 11.73
CA ASN A 366 18.74 22.78 12.94
C ASN A 366 19.19 22.01 14.18
N CYS A 367 20.39 22.34 14.69
CA CYS A 367 20.91 21.66 15.89
C CYS A 367 21.36 22.61 17.01
N PHE B 1 -26.18 9.97 5.61
CA PHE B 1 -25.20 11.10 5.61
C PHE B 1 -25.49 12.01 6.77
N VAL B 2 -24.54 12.87 7.11
CA VAL B 2 -24.73 13.80 8.22
C VAL B 2 -24.34 15.20 7.79
N LEU B 3 -25.27 16.15 7.92
CA LEU B 3 -25.00 17.54 7.55
C LEU B 3 -24.28 18.19 8.72
N THR B 4 -23.25 18.96 8.44
CA THR B 4 -22.50 19.61 9.51
C THR B 4 -23.45 20.39 10.40
N GLU B 5 -23.20 20.32 11.70
CA GLU B 5 -24.01 21.01 12.70
C GLU B 5 -24.06 22.53 12.50
N GLY B 6 -25.26 23.09 12.55
CA GLY B 6 -25.40 24.52 12.37
C GLY B 6 -25.63 24.85 10.90
N ASN B 7 -25.70 23.79 10.10
CA ASN B 7 -25.94 23.89 8.68
C ASN B 7 -25.18 24.97 7.92
N PRO B 8 -23.84 24.94 7.98
CA PRO B 8 -23.03 25.94 7.27
C PRO B 8 -23.19 25.66 5.77
N ARG B 9 -23.36 26.72 4.99
CA ARG B 9 -23.58 26.55 3.55
C ARG B 9 -23.03 27.74 2.77
N TRP B 10 -22.45 27.48 1.61
CA TRP B 10 -21.93 28.56 0.78
C TRP B 10 -23.12 29.39 0.29
N GLU B 11 -22.93 30.71 0.26
CA GLU B 11 -24.00 31.60 -0.14
C GLU B 11 -24.06 32.01 -1.60
N GLN B 12 -23.17 31.47 -2.42
CA GLN B 12 -23.18 31.75 -3.85
C GLN B 12 -22.80 30.44 -4.56
N THR B 13 -23.17 30.27 -5.82
CA THR B 13 -22.89 29.01 -6.49
C THR B 13 -21.56 28.90 -7.21
N HIS B 14 -20.99 30.03 -7.61
CA HIS B 14 -19.70 30.00 -8.29
C HIS B 14 -18.60 30.29 -7.28
N LEU B 15 -18.00 29.21 -6.77
CA LEU B 15 -16.94 29.31 -5.78
C LEU B 15 -15.55 29.29 -6.41
N THR B 16 -14.57 29.69 -5.62
CA THR B 16 -13.18 29.73 -6.07
C THR B 16 -12.26 29.00 -5.09
N TYR B 17 -11.18 28.43 -5.62
CA TYR B 17 -10.21 27.73 -4.79
C TYR B 17 -8.82 28.08 -5.27
N ARG B 18 -7.84 27.83 -4.42
CA ARG B 18 -6.46 28.13 -4.74
C ARG B 18 -5.56 27.15 -4.01
N ILE B 19 -4.53 26.69 -4.71
CA ILE B 19 -3.56 25.77 -4.14
C ILE B 19 -2.37 26.65 -3.71
N GLU B 20 -2.21 26.82 -2.41
CA GLU B 20 -1.14 27.66 -1.88
C GLU B 20 0.26 27.11 -2.10
N ASN B 21 0.52 25.91 -1.60
CA ASN B 21 1.80 25.27 -1.76
C ASN B 21 1.60 23.84 -2.27
N TYR B 22 2.65 23.23 -2.80
CA TYR B 22 2.55 21.88 -3.31
C TYR B 22 3.41 20.90 -2.53
N THR B 23 2.94 19.67 -2.39
CA THR B 23 3.71 18.66 -1.69
C THR B 23 4.81 18.22 -2.68
N PRO B 24 6.03 17.99 -2.16
CA PRO B 24 7.14 17.56 -3.02
C PRO B 24 7.02 16.11 -3.51
N ASP B 25 6.12 15.35 -2.91
CA ASP B 25 5.93 13.94 -3.25
C ASP B 25 5.64 13.77 -4.73
N LEU B 26 4.81 14.64 -5.28
CA LEU B 26 4.36 14.49 -6.66
C LEU B 26 4.67 15.73 -7.46
N PRO B 27 4.48 15.67 -8.79
CA PRO B 27 4.74 16.85 -9.62
C PRO B 27 3.58 17.82 -9.38
N ARG B 28 3.74 19.08 -9.73
CA ARG B 28 2.66 20.03 -9.55
C ARG B 28 1.45 19.59 -10.35
N ALA B 29 1.67 19.33 -11.63
CA ALA B 29 0.61 18.90 -12.54
C ALA B 29 -0.24 17.79 -11.92
N ASP B 30 0.42 16.83 -11.26
CA ASP B 30 -0.29 15.73 -10.62
C ASP B 30 -1.14 16.23 -9.45
N VAL B 31 -0.63 17.20 -8.71
CA VAL B 31 -1.37 17.74 -7.58
C VAL B 31 -2.56 18.52 -8.13
N ASP B 32 -2.33 19.29 -9.19
CA ASP B 32 -3.41 20.08 -9.79
C ASP B 32 -4.54 19.16 -10.21
N HIS B 33 -4.20 18.09 -10.91
CA HIS B 33 -5.21 17.15 -11.38
C HIS B 33 -5.97 16.51 -10.22
N ALA B 34 -5.25 16.04 -9.21
CA ALA B 34 -5.88 15.43 -8.05
C ALA B 34 -6.95 16.34 -7.47
N ILE B 35 -6.54 17.56 -7.11
CA ILE B 35 -7.43 18.57 -6.54
C ILE B 35 -8.58 18.97 -7.49
N GLU B 36 -8.26 19.19 -8.76
CA GLU B 36 -9.28 19.56 -9.73
C GLU B 36 -10.36 18.48 -9.87
N LYS B 37 -9.95 17.24 -10.05
CA LYS B 37 -10.89 16.14 -10.19
C LYS B 37 -11.71 15.97 -8.92
N ALA B 38 -11.12 16.33 -7.78
CA ALA B 38 -11.81 16.19 -6.53
C ALA B 38 -13.04 17.10 -6.56
N PHE B 39 -12.85 18.33 -7.01
CA PHE B 39 -13.95 19.30 -7.11
C PHE B 39 -14.98 18.83 -8.13
N GLN B 40 -14.51 18.31 -9.25
CA GLN B 40 -15.37 17.80 -10.31
C GLN B 40 -16.43 16.82 -9.80
N LEU B 41 -16.06 15.94 -8.87
CA LEU B 41 -17.00 14.96 -8.33
C LEU B 41 -18.18 15.66 -7.67
N TRP B 42 -17.91 16.75 -6.96
CA TRP B 42 -18.96 17.48 -6.27
C TRP B 42 -19.77 18.39 -7.20
N SER B 43 -19.13 18.98 -8.20
CA SER B 43 -19.88 19.86 -9.11
C SER B 43 -20.76 19.09 -10.08
N ASN B 44 -20.42 17.83 -10.34
CA ASN B 44 -21.23 17.02 -11.24
C ASN B 44 -22.60 16.73 -10.65
N VAL B 45 -22.75 16.89 -9.34
CA VAL B 45 -24.00 16.55 -8.68
C VAL B 45 -24.74 17.68 -7.99
N THR B 46 -24.19 18.88 -8.07
CA THR B 46 -24.81 20.04 -7.44
C THR B 46 -24.76 21.22 -8.38
N PRO B 47 -25.49 22.29 -8.05
CA PRO B 47 -25.43 23.43 -8.97
C PRO B 47 -24.14 24.24 -8.84
N LEU B 48 -23.28 23.87 -7.89
CA LEU B 48 -22.05 24.61 -7.68
C LEU B 48 -21.03 24.41 -8.81
N THR B 49 -20.06 25.31 -8.87
CA THR B 49 -18.98 25.26 -9.85
C THR B 49 -17.74 25.80 -9.15
N PHE B 50 -16.57 25.33 -9.54
CA PHE B 50 -15.35 25.79 -8.88
C PHE B 50 -14.27 26.26 -9.86
N THR B 51 -13.77 27.47 -9.60
CA THR B 51 -12.74 28.07 -10.44
C THR B 51 -11.40 28.16 -9.72
N LYS B 52 -10.35 27.70 -10.38
CA LYS B 52 -9.00 27.74 -9.81
C LYS B 52 -8.42 29.15 -9.91
N VAL B 53 -7.81 29.60 -8.81
CA VAL B 53 -7.22 30.93 -8.73
C VAL B 53 -5.80 30.89 -8.17
N SER B 54 -4.89 31.61 -8.81
CA SER B 54 -3.49 31.63 -8.38
C SER B 54 -3.21 32.57 -7.22
N GLU B 55 -3.20 33.88 -7.50
CA GLU B 55 -2.93 34.84 -6.46
C GLU B 55 -4.18 35.43 -5.82
N GLY B 56 -4.07 35.77 -4.54
CA GLY B 56 -5.19 36.37 -3.83
C GLY B 56 -6.04 35.37 -3.04
N GLN B 57 -6.89 35.90 -2.17
CA GLN B 57 -7.78 35.05 -1.36
C GLN B 57 -8.79 34.32 -2.24
N ALA B 58 -9.26 33.18 -1.73
CA ALA B 58 -10.22 32.38 -2.46
C ALA B 58 -11.13 31.71 -1.45
N ASP B 59 -12.31 31.31 -1.91
CA ASP B 59 -13.27 30.64 -1.05
C ASP B 59 -12.63 29.47 -0.31
N ILE B 60 -11.98 28.59 -1.06
CA ILE B 60 -11.35 27.39 -0.52
C ILE B 60 -9.85 27.38 -0.76
N MET B 61 -9.09 27.58 0.31
CA MET B 61 -7.64 27.59 0.22
C MET B 61 -7.09 26.21 0.58
N ILE B 62 -6.22 25.69 -0.29
CA ILE B 62 -5.64 24.37 -0.10
C ILE B 62 -4.14 24.46 0.15
N SER B 63 -3.67 23.74 1.16
CA SER B 63 -2.26 23.77 1.47
C SER B 63 -1.81 22.48 2.16
N PHE B 64 -0.50 22.25 2.16
CA PHE B 64 0.07 21.09 2.81
C PHE B 64 0.88 21.62 3.97
N VAL B 65 0.59 21.15 5.17
CA VAL B 65 1.30 21.63 6.35
C VAL B 65 1.72 20.46 7.23
N ARG B 66 2.55 20.77 8.22
CA ARG B 66 3.10 19.76 9.12
C ARG B 66 2.75 20.02 10.59
N GLY B 67 2.69 18.95 11.37
CA GLY B 67 2.39 19.04 12.79
C GLY B 67 1.51 20.19 13.23
N ASP B 68 2.03 21.00 14.17
CA ASP B 68 1.30 22.16 14.68
C ASP B 68 1.47 23.39 13.79
N HIS B 69 0.37 23.96 13.32
CA HIS B 69 0.45 25.15 12.47
C HIS B 69 -0.54 26.24 12.89
N ARG B 70 -0.63 26.47 14.20
CA ARG B 70 -1.53 27.49 14.73
C ARG B 70 -2.92 27.46 14.12
N ASP B 71 -3.74 26.53 14.60
CA ASP B 71 -5.10 26.40 14.10
C ASP B 71 -5.87 25.47 15.03
N ASN B 72 -5.20 25.04 16.09
CA ASN B 72 -5.79 24.17 17.10
C ASN B 72 -6.08 22.74 16.69
N SER B 73 -5.44 22.31 15.62
CA SER B 73 -5.62 20.94 15.14
C SER B 73 -4.29 20.44 14.54
N PRO B 74 -3.24 20.38 15.36
CA PRO B 74 -1.94 19.92 14.87
C PRO B 74 -1.97 18.48 14.36
N PHE B 75 -1.10 18.19 13.41
CA PHE B 75 -1.04 16.84 12.85
C PHE B 75 -0.14 15.94 13.69
N ASP B 76 -0.17 14.64 13.40
CA ASP B 76 0.62 13.65 14.14
C ASP B 76 1.68 12.89 13.31
N GLY B 77 2.38 13.60 12.43
CA GLY B 77 3.35 12.99 11.55
C GLY B 77 2.74 11.87 10.72
N PRO B 78 3.60 11.11 10.04
CA PRO B 78 3.15 9.99 9.23
C PRO B 78 1.99 9.25 9.87
N GLY B 79 1.03 8.80 9.06
CA GLY B 79 -0.14 8.10 9.55
C GLY B 79 -1.09 8.93 10.40
N GLY B 80 -2.18 8.30 10.84
CA GLY B 80 -3.14 8.95 11.72
C GLY B 80 -4.16 9.76 10.95
N ASN B 81 -4.42 10.99 11.41
CA ASN B 81 -5.14 11.97 10.62
C ASN B 81 -4.32 12.23 9.36
N LEU B 82 -4.96 12.09 8.21
CA LEU B 82 -4.39 12.51 6.93
C LEU B 82 -4.63 13.98 6.58
N ALA B 83 -5.74 14.54 7.03
CA ALA B 83 -6.06 15.92 6.72
C ALA B 83 -7.31 16.40 7.45
N HIS B 84 -7.68 17.65 7.18
CA HIS B 84 -8.88 18.23 7.78
C HIS B 84 -9.24 19.49 7.04
N ALA B 85 -10.51 19.88 7.16
CA ALA B 85 -10.98 21.08 6.50
C ALA B 85 -12.02 21.77 7.36
N PHE B 86 -12.19 23.06 7.10
CA PHE B 86 -13.13 23.88 7.84
C PHE B 86 -14.45 24.02 7.09
N GLN B 87 -15.55 24.12 7.84
CA GLN B 87 -16.88 24.30 7.28
C GLN B 87 -16.97 25.66 6.57
N PRO B 88 -17.90 25.78 5.61
CA PRO B 88 -18.08 27.03 4.84
C PRO B 88 -18.14 28.23 5.77
N GLY B 89 -17.51 29.32 5.35
CA GLY B 89 -17.50 30.52 6.16
C GLY B 89 -16.45 31.52 5.74
N PRO B 90 -16.37 32.68 6.41
CA PRO B 90 -15.38 33.69 6.05
C PRO B 90 -13.97 33.31 6.56
N GLY B 91 -12.97 33.96 5.99
CA GLY B 91 -11.60 33.50 6.08
C GLY B 91 -11.45 32.02 5.78
N ILE B 92 -10.92 31.28 6.75
CA ILE B 92 -10.54 29.89 6.55
C ILE B 92 -11.71 28.97 6.88
N GLY B 93 -12.92 29.52 6.83
CA GLY B 93 -14.06 28.83 6.26
C GLY B 93 -13.79 28.35 4.86
N GLY B 94 -13.88 27.04 4.66
CA GLY B 94 -13.62 26.44 3.35
C GLY B 94 -12.36 25.60 3.33
N ASP B 95 -11.37 26.02 4.11
CA ASP B 95 -9.98 25.67 3.83
C ASP B 95 -9.73 24.21 4.10
N ALA B 96 -8.81 23.63 3.34
CA ALA B 96 -8.46 22.23 3.51
C ALA B 96 -6.97 22.11 3.78
N HIS B 97 -6.64 21.38 4.84
CA HIS B 97 -5.24 21.18 5.22
C HIS B 97 -4.84 19.72 5.09
N PHE B 98 -3.79 19.46 4.31
CA PHE B 98 -3.26 18.13 4.10
C PHE B 98 -1.97 17.95 4.86
N ASP B 99 -1.81 16.85 5.66
CA ASP B 99 -0.57 16.61 6.43
C ASP B 99 0.53 16.26 5.41
N GLU B 100 1.69 16.93 5.57
CA GLU B 100 2.83 16.76 4.66
C GLU B 100 3.76 15.60 5.04
N ASP B 101 3.61 15.13 6.27
CA ASP B 101 4.46 14.08 6.80
C ASP B 101 3.87 12.77 6.35
N GLU B 102 2.74 12.86 5.65
CA GLU B 102 2.19 11.72 4.92
C GLU B 102 2.81 11.63 3.53
N ARG B 103 2.92 10.41 3.02
CA ARG B 103 3.40 10.20 1.66
C ARG B 103 2.26 10.23 0.66
N TRP B 104 2.11 11.35 -0.04
CA TRP B 104 0.98 11.55 -0.94
C TRP B 104 1.28 10.88 -2.27
N THR B 105 0.41 9.97 -2.67
CA THR B 105 0.61 9.23 -3.91
C THR B 105 -0.49 9.49 -4.92
N ASN B 106 -0.20 9.25 -6.19
CA ASN B 106 -1.18 9.43 -7.24
C ASN B 106 -1.63 8.09 -7.81
N ASN B 107 -1.40 7.02 -7.05
CA ASN B 107 -1.79 5.67 -7.47
C ASN B 107 -2.50 4.95 -6.32
N PHE B 108 -2.40 3.62 -6.28
CA PHE B 108 -3.08 2.85 -5.26
C PHE B 108 -2.41 2.81 -3.88
N ARG B 109 -1.17 3.27 -3.77
CA ARG B 109 -0.48 3.27 -2.48
C ARG B 109 -1.12 4.24 -1.48
N GLU B 110 -0.88 4.02 -0.19
CA GLU B 110 -1.46 4.85 0.85
C GLU B 110 -0.50 6.01 1.09
N TYR B 111 -0.87 7.20 0.61
CA TYR B 111 -2.21 7.77 0.70
C TYR B 111 -2.50 8.62 -0.53
N ASN B 112 -3.57 8.28 -1.25
CA ASN B 112 -3.80 8.86 -2.57
C ASN B 112 -4.41 10.26 -2.47
N LEU B 113 -3.69 11.25 -2.98
CA LEU B 113 -4.12 12.64 -2.82
C LEU B 113 -5.54 12.94 -3.29
N HIS B 114 -5.92 12.36 -4.43
CA HIS B 114 -7.25 12.58 -4.99
C HIS B 114 -8.36 11.98 -4.12
N ARG B 115 -8.11 10.85 -3.47
CA ARG B 115 -9.11 10.20 -2.61
C ARG B 115 -9.33 11.02 -1.35
N VAL B 116 -8.25 11.50 -0.75
CA VAL B 116 -8.35 12.28 0.46
C VAL B 116 -8.87 13.70 0.20
N ALA B 117 -8.53 14.27 -0.96
CA ALA B 117 -9.02 15.61 -1.26
C ALA B 117 -10.52 15.59 -1.45
N ALA B 118 -11.03 14.55 -2.10
CA ALA B 118 -12.44 14.42 -2.36
C ALA B 118 -13.25 14.40 -1.05
N HIS B 119 -12.75 13.69 -0.07
CA HIS B 119 -13.38 13.57 1.23
C HIS B 119 -13.32 14.89 1.98
N ALA B 120 -12.14 15.51 1.94
CA ALA B 120 -11.89 16.78 2.60
C ALA B 120 -12.84 17.86 2.14
N LEU B 121 -12.92 18.06 0.83
CA LEU B 121 -13.80 19.07 0.26
C LEU B 121 -15.25 18.80 0.64
N GLY B 122 -15.54 17.56 1.04
CA GLY B 122 -16.89 17.23 1.45
C GLY B 122 -17.19 18.08 2.66
N HIS B 123 -16.16 18.30 3.48
CA HIS B 123 -16.30 19.10 4.68
C HIS B 123 -16.33 20.58 4.28
N SER B 124 -15.47 20.94 3.34
CA SER B 124 -15.42 22.32 2.87
C SER B 124 -16.74 22.80 2.28
N LEU B 125 -17.72 21.89 2.14
CA LEU B 125 -19.01 22.23 1.56
C LEU B 125 -20.17 22.11 2.54
N GLY B 126 -19.89 21.65 3.76
CA GLY B 126 -20.94 21.52 4.75
C GLY B 126 -21.36 20.12 5.17
N LEU B 127 -20.61 19.11 4.75
CA LEU B 127 -20.92 17.72 5.10
C LEU B 127 -20.00 17.17 6.18
N SER B 128 -20.57 16.38 7.08
CA SER B 128 -19.80 15.75 8.14
C SER B 128 -19.65 14.28 7.77
N HIS B 129 -19.15 13.47 8.71
CA HIS B 129 -18.95 12.04 8.43
C HIS B 129 -20.20 11.18 8.40
N SER B 130 -20.31 10.42 7.31
CA SER B 130 -21.44 9.52 7.09
C SER B 130 -21.22 8.24 7.87
N THR B 131 -22.30 7.55 8.22
CA THR B 131 -22.13 6.28 8.92
C THR B 131 -22.21 5.20 7.87
N ASP B 132 -22.42 5.60 6.62
CA ASP B 132 -22.51 4.65 5.53
C ASP B 132 -21.13 4.20 5.05
N ILE B 133 -20.80 2.98 5.44
CA ILE B 133 -19.54 2.33 5.11
C ILE B 133 -19.05 2.56 3.66
N GLY B 134 -19.98 2.74 2.73
CA GLY B 134 -19.60 2.94 1.34
C GLY B 134 -19.54 4.38 0.83
N ALA B 135 -19.73 5.36 1.72
CA ALA B 135 -19.68 6.76 1.32
C ALA B 135 -18.31 7.39 1.48
N LEU B 136 -17.94 8.23 0.53
CA LEU B 136 -16.66 8.94 0.52
C LEU B 136 -16.48 9.68 1.85
N MET B 137 -17.58 10.10 2.47
CA MET B 137 -17.53 10.81 3.73
C MET B 137 -17.44 9.92 4.96
N TYR B 138 -17.04 8.66 4.75
CA TYR B 138 -16.88 7.73 5.86
C TYR B 138 -15.51 8.04 6.49
N PRO B 139 -15.46 8.13 7.83
CA PRO B 139 -14.27 8.43 8.64
C PRO B 139 -13.00 7.62 8.37
N SER B 140 -13.05 6.69 7.43
CA SER B 140 -11.88 5.90 7.17
C SER B 140 -11.38 5.91 5.75
N TYR B 141 -10.08 5.75 5.61
CA TYR B 141 -9.46 5.73 4.30
C TYR B 141 -9.55 4.30 3.76
N THR B 142 -9.88 4.19 2.47
CA THR B 142 -9.99 2.91 1.78
C THR B 142 -9.85 3.21 0.29
N PHE B 143 -9.00 2.46 -0.41
CA PHE B 143 -8.81 2.72 -1.84
C PHE B 143 -9.21 1.53 -2.70
N SER B 144 -10.47 1.55 -3.12
CA SER B 144 -11.07 0.50 -3.94
C SER B 144 -11.15 0.85 -5.45
N GLY B 145 -9.99 1.08 -6.06
CA GLY B 145 -9.96 1.39 -7.48
C GLY B 145 -10.08 2.85 -7.89
N ASP B 146 -11.31 3.26 -8.24
CA ASP B 146 -11.56 4.63 -8.65
C ASP B 146 -12.37 5.36 -7.60
N VAL B 147 -12.12 6.65 -7.45
CA VAL B 147 -12.83 7.44 -6.44
C VAL B 147 -14.16 7.97 -6.98
N GLN B 148 -15.23 7.71 -6.24
CA GLN B 148 -16.55 8.17 -6.67
C GLN B 148 -17.49 8.46 -5.51
N LEU B 149 -18.54 9.21 -5.80
CA LEU B 149 -19.51 9.54 -4.78
C LEU B 149 -20.52 8.41 -4.66
N ALA B 150 -20.78 8.00 -3.43
CA ALA B 150 -21.78 6.97 -3.17
C ALA B 150 -23.15 7.67 -3.19
N GLN B 151 -24.21 6.95 -3.54
CA GLN B 151 -25.54 7.58 -3.57
C GLN B 151 -25.76 8.41 -2.31
N ASP B 152 -25.25 7.92 -1.18
CA ASP B 152 -25.40 8.61 0.11
C ASP B 152 -24.73 10.00 0.19
N ASP B 153 -23.64 10.19 -0.54
CA ASP B 153 -22.96 11.47 -0.53
C ASP B 153 -23.69 12.43 -1.45
N ILE B 154 -24.27 11.89 -2.51
CA ILE B 154 -25.01 12.69 -3.45
C ILE B 154 -26.28 13.18 -2.75
N ASP B 155 -26.94 12.28 -2.04
CA ASP B 155 -28.16 12.62 -1.33
C ASP B 155 -27.89 13.70 -0.27
N GLY B 156 -26.72 13.65 0.36
CA GLY B 156 -26.39 14.62 1.39
C GLY B 156 -26.01 15.98 0.86
N ILE B 157 -25.22 16.01 -0.19
CA ILE B 157 -24.79 17.26 -0.77
C ILE B 157 -25.94 17.98 -1.49
N GLN B 158 -26.91 17.22 -2.01
CA GLN B 158 -28.04 17.84 -2.70
C GLN B 158 -29.02 18.34 -1.66
N ALA B 159 -28.91 17.79 -0.45
CA ALA B 159 -29.78 18.19 0.64
C ALA B 159 -29.44 19.63 1.00
N ILE B 160 -28.16 19.97 0.87
CA ILE B 160 -27.68 21.30 1.18
C ILE B 160 -27.83 22.30 0.04
N TYR B 161 -27.41 21.89 -1.16
CA TYR B 161 -27.42 22.79 -2.31
C TYR B 161 -28.49 22.62 -3.41
N GLY B 162 -29.12 21.46 -3.48
CA GLY B 162 -30.10 21.23 -4.53
C GLY B 162 -29.61 20.19 -5.52
N ARG B 163 -30.48 19.72 -6.39
CA ARG B 163 -30.11 18.71 -7.39
C ARG B 163 -29.17 19.28 -8.44
N SER B 164 -28.58 18.41 -9.22
CA SER B 164 -27.71 18.84 -10.31
C SER B 164 -28.65 19.46 -11.35
N GLN B 165 -28.17 20.47 -12.07
CA GLN B 165 -29.02 21.08 -13.09
C GLN B 165 -29.00 20.23 -14.35
N ASN B 166 -28.43 19.02 -14.22
CA ASN B 166 -28.33 18.08 -15.33
C ASN B 166 -29.69 17.37 -15.50
N PRO B 167 -30.19 17.31 -16.75
CA PRO B 167 -31.48 16.66 -17.01
C PRO B 167 -31.52 15.18 -16.64
N VAL B 168 -30.45 14.45 -16.92
CA VAL B 168 -30.39 13.03 -16.60
C VAL B 168 -30.36 12.80 -15.09
N GLN B 169 -29.60 13.63 -14.38
CA GLN B 169 -29.43 13.56 -12.93
C GLN B 169 -28.57 12.37 -12.49
N PRO B 170 -27.30 12.64 -12.13
CA PRO B 170 -26.34 11.64 -11.68
C PRO B 170 -26.83 10.74 -10.55
N ILE B 171 -26.38 9.50 -10.58
CA ILE B 171 -26.73 8.50 -9.58
C ILE B 171 -25.43 7.85 -9.08
N GLY B 172 -25.45 7.33 -7.86
CA GLY B 172 -24.26 6.70 -7.33
C GLY B 172 -24.55 5.36 -6.73
N PRO B 173 -23.54 4.47 -6.63
CA PRO B 173 -23.72 3.14 -6.05
C PRO B 173 -24.29 3.18 -4.65
N GLN B 174 -25.29 2.34 -4.41
CA GLN B 174 -25.92 2.24 -3.11
C GLN B 174 -25.30 1.09 -2.34
N THR B 175 -25.06 1.29 -1.06
CA THR B 175 -24.44 0.27 -0.25
C THR B 175 -25.48 -0.76 0.19
N PRO B 176 -25.29 -2.03 -0.19
CA PRO B 176 -26.24 -3.09 0.18
C PRO B 176 -26.44 -3.23 1.68
N LYS B 177 -27.64 -3.64 2.06
CA LYS B 177 -27.99 -3.85 3.46
C LYS B 177 -28.30 -5.32 3.69
N ALA B 178 -27.57 -5.92 4.62
CA ALA B 178 -27.71 -7.34 4.96
C ALA B 178 -29.12 -7.91 4.87
N CYS B 179 -30.06 -7.33 5.61
CA CYS B 179 -31.44 -7.85 5.59
C CYS B 179 -32.45 -6.98 4.83
N ASP B 180 -32.31 -6.92 3.51
CA ASP B 180 -33.23 -6.15 2.69
C ASP B 180 -33.83 -7.11 1.67
N SER B 181 -35.14 -7.32 1.76
CA SER B 181 -35.88 -8.23 0.89
C SER B 181 -35.73 -8.00 -0.62
N LYS B 182 -35.24 -6.85 -1.03
CA LYS B 182 -35.08 -6.57 -2.46
C LYS B 182 -33.65 -6.79 -2.94
N LEU B 183 -32.84 -7.38 -2.08
CA LEU B 183 -31.43 -7.63 -2.37
C LEU B 183 -31.15 -8.79 -3.32
N THR B 184 -30.44 -8.48 -4.40
CA THR B 184 -30.04 -9.49 -5.40
C THR B 184 -28.53 -9.70 -5.25
N PHE B 185 -27.93 -10.58 -6.07
CA PHE B 185 -26.50 -10.83 -5.97
C PHE B 185 -25.73 -10.88 -7.29
N ASP B 186 -24.47 -10.47 -7.24
CA ASP B 186 -23.61 -10.52 -8.42
C ASP B 186 -23.04 -11.92 -8.60
N ALA B 187 -22.65 -12.52 -7.49
CA ALA B 187 -22.04 -13.84 -7.49
C ALA B 187 -22.01 -14.38 -6.06
N ILE B 188 -21.91 -15.69 -5.91
CA ILE B 188 -21.84 -16.28 -4.58
C ILE B 188 -20.93 -17.48 -4.60
N THR B 189 -20.15 -17.64 -3.56
CA THR B 189 -19.24 -18.76 -3.48
C THR B 189 -19.05 -19.15 -2.03
N THR B 190 -18.66 -20.40 -1.81
CA THR B 190 -18.41 -20.88 -0.46
C THR B 190 -16.91 -20.72 -0.28
N ILE B 191 -16.48 -20.54 0.96
CA ILE B 191 -15.06 -20.41 1.25
C ILE B 191 -14.74 -21.10 2.55
N ARG B 192 -14.16 -22.29 2.42
CA ARG B 192 -13.79 -23.10 3.57
C ARG B 192 -14.89 -23.07 4.62
N GLY B 193 -16.08 -23.54 4.25
CA GLY B 193 -17.18 -23.58 5.18
C GLY B 193 -18.19 -22.44 5.07
N GLU B 194 -17.70 -21.21 5.20
CA GLU B 194 -18.54 -20.02 5.12
C GLU B 194 -19.00 -19.68 3.72
N VAL B 195 -19.99 -18.81 3.63
CA VAL B 195 -20.51 -18.37 2.34
C VAL B 195 -20.28 -16.88 2.16
N MET B 196 -19.79 -16.50 0.99
CA MET B 196 -19.52 -15.11 0.70
C MET B 196 -20.30 -14.59 -0.51
N PHE B 197 -21.26 -13.72 -0.24
CA PHE B 197 -22.10 -13.14 -1.30
C PHE B 197 -21.49 -11.83 -1.79
N PHE B 198 -21.42 -11.66 -3.11
CA PHE B 198 -20.87 -10.44 -3.70
C PHE B 198 -21.95 -9.53 -4.25
N LYS B 199 -21.60 -8.26 -4.46
CA LYS B 199 -22.54 -7.27 -4.97
C LYS B 199 -21.86 -5.92 -5.21
N ASP B 200 -21.60 -5.63 -6.48
CA ASP B 200 -20.99 -4.36 -6.87
C ASP B 200 -19.56 -4.26 -6.34
N ARG B 201 -19.36 -3.38 -5.36
CA ARG B 201 -18.04 -3.16 -4.79
C ARG B 201 -17.88 -3.91 -3.47
N PHE B 202 -18.97 -4.48 -2.97
CA PHE B 202 -18.95 -5.15 -1.67
C PHE B 202 -19.08 -6.68 -1.65
N TYR B 203 -18.93 -7.25 -0.46
CA TYR B 203 -19.08 -8.67 -0.23
C TYR B 203 -19.71 -8.83 1.15
N MET B 204 -20.33 -9.97 1.38
CA MET B 204 -20.96 -10.25 2.66
C MET B 204 -20.64 -11.69 3.03
N ARG B 205 -19.85 -11.86 4.07
CA ARG B 205 -19.48 -13.19 4.52
C ARG B 205 -20.28 -13.51 5.77
N THR B 206 -20.79 -14.74 5.84
CA THR B 206 -21.57 -15.16 6.99
C THR B 206 -21.02 -16.44 7.58
N ASN B 207 -20.65 -16.38 8.85
CA ASN B 207 -20.15 -17.55 9.54
C ASN B 207 -21.34 -18.39 9.98
N PRO B 208 -21.33 -19.71 9.68
CA PRO B 208 -22.45 -20.58 10.08
C PRO B 208 -22.59 -20.61 11.60
N PHE B 209 -21.57 -20.08 12.29
CA PHE B 209 -21.57 -20.04 13.73
C PHE B 209 -22.28 -18.84 14.32
N TYR B 210 -21.53 -17.78 14.61
CA TYR B 210 -22.13 -16.58 15.20
C TYR B 210 -22.53 -15.47 14.24
N PRO B 211 -23.81 -15.42 13.83
CA PRO B 211 -24.31 -14.41 12.90
C PRO B 211 -24.00 -12.97 13.29
N GLU B 212 -23.36 -12.27 12.38
CA GLU B 212 -23.01 -10.88 12.57
C GLU B 212 -23.22 -10.23 11.21
N VAL B 213 -22.87 -10.99 10.17
CA VAL B 213 -23.02 -10.54 8.80
C VAL B 213 -22.00 -9.48 8.45
N GLU B 214 -20.73 -9.88 8.31
CA GLU B 214 -19.68 -8.94 7.95
C GLU B 214 -19.91 -8.42 6.52
N LEU B 215 -19.64 -7.13 6.32
CA LEU B 215 -19.80 -6.49 5.03
C LEU B 215 -18.60 -5.58 4.82
N ASN B 216 -18.00 -5.63 3.63
CA ASN B 216 -16.83 -4.80 3.36
C ASN B 216 -16.63 -4.68 1.87
N PHE B 217 -15.58 -3.95 1.47
CA PHE B 217 -15.27 -3.78 0.06
C PHE B 217 -14.46 -4.98 -0.45
N ILE B 218 -14.68 -5.35 -1.70
CA ILE B 218 -13.95 -6.45 -2.31
C ILE B 218 -12.46 -6.13 -2.28
N SER B 219 -12.13 -4.85 -2.49
CA SER B 219 -10.72 -4.43 -2.51
C SER B 219 -10.04 -4.54 -1.15
N VAL B 220 -10.79 -4.32 -0.08
CA VAL B 220 -10.22 -4.40 1.25
C VAL B 220 -9.84 -5.84 1.63
N PHE B 221 -10.47 -6.82 1.01
CA PHE B 221 -10.17 -8.21 1.33
C PHE B 221 -9.45 -8.97 0.20
N TRP B 222 -9.50 -8.44 -1.02
CA TRP B 222 -8.83 -9.04 -2.17
C TRP B 222 -8.26 -7.89 -2.96
N PRO B 223 -7.31 -7.18 -2.34
CA PRO B 223 -6.63 -6.02 -2.92
C PRO B 223 -6.44 -6.04 -4.43
N GLN B 224 -6.11 -7.20 -5.00
CA GLN B 224 -5.88 -7.25 -6.44
C GLN B 224 -7.10 -7.52 -7.33
N LEU B 225 -8.26 -7.79 -6.71
CA LEU B 225 -9.50 -8.04 -7.46
C LEU B 225 -10.27 -6.77 -7.78
N PRO B 226 -11.02 -6.79 -8.87
CA PRO B 226 -11.85 -5.66 -9.34
C PRO B 226 -13.26 -5.76 -8.75
N ASN B 227 -14.05 -4.71 -8.90
CA ASN B 227 -15.41 -4.74 -8.38
C ASN B 227 -16.37 -5.23 -9.45
N GLY B 228 -17.62 -5.44 -9.06
CA GLY B 228 -18.62 -5.90 -10.00
C GLY B 228 -18.31 -7.27 -10.58
N LEU B 229 -18.11 -8.25 -9.72
CA LEU B 229 -17.73 -9.59 -10.15
C LEU B 229 -18.96 -10.39 -10.58
N GLU B 230 -18.85 -11.00 -11.78
CA GLU B 230 -20.05 -11.65 -12.38
C GLU B 230 -20.30 -13.07 -11.89
N ALA B 231 -19.29 -13.93 -11.98
CA ALA B 231 -19.39 -15.30 -11.45
C ALA B 231 -18.41 -15.63 -10.32
N ALA B 232 -18.50 -16.83 -9.77
CA ALA B 232 -17.50 -17.27 -8.81
C ALA B 232 -17.87 -18.62 -8.23
N TYR B 233 -16.86 -19.33 -7.75
CA TYR B 233 -17.09 -20.63 -7.10
C TYR B 233 -15.82 -21.08 -6.39
N GLU B 234 -15.97 -22.02 -5.47
CA GLU B 234 -14.81 -22.53 -4.74
C GLU B 234 -14.36 -23.89 -5.23
N PHE B 235 -13.05 -24.11 -5.21
CA PHE B 235 -12.49 -25.40 -5.60
C PHE B 235 -11.53 -25.84 -4.49
N ALA B 236 -12.09 -26.45 -3.46
CA ALA B 236 -11.32 -26.92 -2.31
C ALA B 236 -10.14 -27.78 -2.75
N ASP B 237 -10.41 -28.72 -3.66
CA ASP B 237 -9.39 -29.61 -4.17
C ASP B 237 -8.00 -29.00 -4.19
N ARG B 238 -7.84 -27.85 -4.86
CA ARG B 238 -6.53 -27.20 -4.95
C ARG B 238 -6.46 -25.92 -4.11
N ASP B 239 -7.17 -25.90 -2.99
CA ASP B 239 -7.20 -24.75 -2.08
C ASP B 239 -7.26 -23.46 -2.89
N GLU B 240 -8.38 -23.26 -3.61
CA GLU B 240 -8.58 -22.08 -4.46
C GLU B 240 -10.00 -21.51 -4.50
N VAL B 241 -10.08 -20.32 -5.10
CA VAL B 241 -11.33 -19.60 -5.28
C VAL B 241 -11.19 -18.88 -6.62
N ARG B 242 -12.23 -18.95 -7.45
CA ARG B 242 -12.18 -18.35 -8.78
C ARG B 242 -13.22 -17.25 -8.99
N PHE B 243 -12.81 -16.17 -9.66
CA PHE B 243 -13.68 -15.02 -9.92
C PHE B 243 -13.73 -14.65 -11.40
N PHE B 244 -14.92 -14.25 -11.86
CA PHE B 244 -15.11 -13.89 -13.26
C PHE B 244 -15.65 -12.48 -13.48
N LYS B 245 -15.10 -11.82 -14.49
CA LYS B 245 -15.49 -10.47 -14.85
C LYS B 245 -15.18 -10.29 -16.33
N GLY B 246 -16.22 -10.34 -17.16
CA GLY B 246 -16.03 -10.21 -18.59
C GLY B 246 -15.49 -11.54 -19.08
N ASN B 247 -14.47 -11.48 -19.93
CA ASN B 247 -13.87 -12.70 -20.46
C ASN B 247 -12.61 -12.97 -19.64
N LYS B 248 -12.59 -12.43 -18.43
CA LYS B 248 -11.46 -12.57 -17.52
C LYS B 248 -11.79 -13.46 -16.33
N TYR B 249 -10.79 -14.22 -15.88
CA TYR B 249 -10.95 -15.12 -14.75
C TYR B 249 -9.72 -15.13 -13.82
N TRP B 250 -9.97 -14.92 -12.53
CA TRP B 250 -8.91 -14.88 -11.51
C TRP B 250 -8.88 -16.12 -10.61
N ALA B 251 -7.67 -16.63 -10.38
CA ALA B 251 -7.47 -17.77 -9.50
C ALA B 251 -6.81 -17.20 -8.25
N VAL B 252 -7.51 -17.30 -7.12
CA VAL B 252 -6.97 -16.77 -5.87
C VAL B 252 -6.68 -17.85 -4.86
N GLN B 253 -5.54 -17.73 -4.19
CA GLN B 253 -5.17 -18.69 -3.16
C GLN B 253 -5.25 -17.89 -1.87
N GLY B 254 -6.29 -18.13 -1.07
CA GLY B 254 -6.44 -17.38 0.14
C GLY B 254 -6.87 -15.97 -0.26
N GLN B 255 -5.90 -15.04 -0.29
CA GLN B 255 -6.18 -13.67 -0.67
C GLN B 255 -5.19 -13.20 -1.72
N ASN B 256 -4.27 -14.08 -2.10
CA ASN B 256 -3.28 -13.74 -3.11
C ASN B 256 -3.74 -14.22 -4.48
N VAL B 257 -3.56 -13.39 -5.50
CA VAL B 257 -3.93 -13.78 -6.84
C VAL B 257 -2.70 -14.49 -7.41
N LEU B 258 -2.83 -15.79 -7.63
CA LEU B 258 -1.75 -16.63 -8.16
C LEU B 258 -1.03 -16.03 -9.36
N HIS B 259 0.26 -16.35 -9.51
CA HIS B 259 1.04 -15.82 -10.62
C HIS B 259 0.47 -16.17 -11.99
N GLY B 260 0.34 -15.15 -12.84
CA GLY B 260 -0.17 -15.37 -14.18
C GLY B 260 -1.59 -14.90 -14.41
N TYR B 261 -2.36 -14.73 -13.34
CA TYR B 261 -3.74 -14.28 -13.47
C TYR B 261 -3.85 -12.76 -13.42
N PRO B 262 -4.95 -12.21 -13.96
CA PRO B 262 -6.05 -12.95 -14.58
C PRO B 262 -5.71 -13.53 -15.96
N LYS B 263 -6.53 -14.47 -16.41
CA LYS B 263 -6.38 -15.12 -17.71
C LYS B 263 -7.74 -15.08 -18.39
N ASP B 264 -7.76 -15.27 -19.70
CA ASP B 264 -9.02 -15.26 -20.46
C ASP B 264 -9.72 -16.61 -20.33
N ILE B 265 -11.05 -16.57 -20.18
CA ILE B 265 -11.85 -17.77 -20.01
C ILE B 265 -11.88 -18.72 -21.19
N TYR B 266 -11.40 -18.26 -22.34
CA TYR B 266 -11.41 -19.07 -23.56
C TYR B 266 -10.37 -20.20 -23.53
N SER B 267 -9.16 -19.91 -23.07
CA SER B 267 -8.12 -20.92 -23.01
C SER B 267 -8.07 -21.61 -21.63
N SER B 268 -8.74 -21.03 -20.65
CA SER B 268 -8.75 -21.58 -19.30
C SER B 268 -9.76 -22.71 -19.10
N PHE B 269 -10.97 -22.51 -19.61
CA PHE B 269 -12.02 -23.51 -19.47
C PHE B 269 -12.50 -24.02 -20.80
N GLY B 270 -11.88 -23.56 -21.88
CA GLY B 270 -12.28 -24.00 -23.20
C GLY B 270 -13.69 -23.56 -23.56
N PHE B 271 -13.92 -22.25 -23.54
CA PHE B 271 -15.22 -21.67 -23.90
C PHE B 271 -15.13 -21.12 -25.32
N PRO B 272 -16.27 -20.94 -25.98
CA PRO B 272 -16.34 -20.40 -27.34
C PRO B 272 -16.43 -18.88 -27.31
N ARG B 273 -15.69 -18.22 -28.21
CA ARG B 273 -15.70 -16.76 -28.29
C ARG B 273 -17.08 -16.17 -28.01
N THR B 274 -18.12 -16.85 -28.50
CA THR B 274 -19.47 -16.30 -28.50
C THR B 274 -19.95 -15.97 -27.09
N VAL B 275 -19.27 -16.52 -26.10
CA VAL B 275 -19.60 -16.27 -24.71
C VAL B 275 -18.65 -15.15 -24.26
N LYS B 276 -19.21 -13.96 -24.03
CA LYS B 276 -18.41 -12.82 -23.61
C LYS B 276 -18.22 -12.77 -22.10
N HIS B 277 -19.01 -13.55 -21.37
CA HIS B 277 -18.91 -13.58 -19.92
C HIS B 277 -19.75 -14.70 -19.29
N ILE B 278 -19.59 -14.89 -17.99
CA ILE B 278 -20.33 -15.91 -17.27
C ILE B 278 -21.39 -15.21 -16.40
N ASP B 279 -22.41 -15.95 -15.98
CA ASP B 279 -23.47 -15.40 -15.11
C ASP B 279 -23.41 -15.96 -13.70
N ALA B 280 -22.96 -17.21 -13.57
CA ALA B 280 -22.85 -17.86 -12.26
C ALA B 280 -22.17 -19.20 -12.40
N ALA B 281 -21.64 -19.72 -11.30
CA ALA B 281 -20.96 -21.00 -11.32
C ALA B 281 -20.97 -21.68 -9.97
N LEU B 282 -20.89 -23.00 -9.99
CA LEU B 282 -20.84 -23.79 -8.76
C LEU B 282 -20.12 -25.09 -9.06
N SER B 283 -19.30 -25.55 -8.13
CA SER B 283 -18.58 -26.80 -8.33
C SER B 283 -19.16 -27.84 -7.39
N GLU B 284 -19.25 -29.09 -7.83
CA GLU B 284 -19.78 -30.17 -7.00
C GLU B 284 -18.69 -30.74 -6.09
N GLU B 285 -19.01 -30.85 -4.81
CA GLU B 285 -18.07 -31.36 -3.83
C GLU B 285 -17.28 -32.57 -4.26
N ASN B 286 -17.97 -33.64 -4.65
CA ASN B 286 -17.31 -34.88 -5.04
C ASN B 286 -17.66 -35.46 -6.41
N THR B 287 -17.28 -34.77 -7.48
CA THR B 287 -17.54 -35.24 -8.85
C THR B 287 -16.46 -34.69 -9.78
N GLY B 288 -15.89 -33.55 -9.39
CA GLY B 288 -14.87 -32.93 -10.20
C GLY B 288 -15.49 -32.16 -11.36
N LYS B 289 -16.77 -31.84 -11.23
CA LYS B 289 -17.46 -31.10 -12.27
C LYS B 289 -17.87 -29.72 -11.82
N THR B 290 -17.84 -28.76 -12.75
CA THR B 290 -18.24 -27.39 -12.44
C THR B 290 -19.17 -26.82 -13.52
N TYR B 291 -20.41 -26.56 -13.12
CA TYR B 291 -21.41 -26.03 -14.03
C TYR B 291 -21.25 -24.52 -14.19
N PHE B 292 -21.18 -24.08 -15.44
CA PHE B 292 -21.06 -22.67 -15.73
C PHE B 292 -22.33 -22.22 -16.44
N PHE B 293 -22.93 -21.14 -15.97
CA PHE B 293 -24.16 -20.65 -16.57
C PHE B 293 -23.92 -19.43 -17.43
N VAL B 294 -24.06 -19.59 -18.75
CA VAL B 294 -23.88 -18.48 -19.68
C VAL B 294 -25.24 -17.93 -20.06
N ALA B 295 -25.83 -17.14 -19.21
CA ALA B 295 -27.08 -16.58 -19.54
C ALA B 295 -28.14 -17.60 -19.43
N ASN B 296 -28.56 -18.06 -20.59
CA ASN B 296 -29.66 -19.00 -20.80
C ASN B 296 -29.27 -20.47 -20.80
N LYS B 297 -28.06 -20.76 -21.27
CA LYS B 297 -27.54 -22.13 -21.32
C LYS B 297 -26.48 -22.35 -20.22
N TYR B 298 -26.06 -23.60 -20.05
CA TYR B 298 -25.05 -23.92 -19.03
C TYR B 298 -24.08 -24.98 -19.53
N TRP B 299 -22.81 -24.85 -19.16
CA TRP B 299 -21.76 -25.77 -19.58
C TRP B 299 -21.13 -26.50 -18.38
N ARG B 300 -20.84 -27.79 -18.55
CA ARG B 300 -20.22 -28.55 -17.48
C ARG B 300 -18.74 -28.72 -17.77
N TYR B 301 -17.92 -28.57 -16.73
CA TYR B 301 -16.47 -28.66 -16.84
C TYR B 301 -15.89 -29.65 -15.83
N ASP B 302 -15.07 -30.59 -16.31
CA ASP B 302 -14.43 -31.55 -15.40
C ASP B 302 -13.11 -30.93 -14.95
N GLU B 303 -12.96 -30.71 -13.65
CA GLU B 303 -11.76 -30.09 -13.11
C GLU B 303 -10.46 -30.88 -13.31
N TYR B 304 -10.49 -32.16 -12.95
CA TYR B 304 -9.26 -32.93 -12.80
C TYR B 304 -8.73 -33.38 -14.17
N LYS B 305 -9.51 -33.13 -15.21
CA LYS B 305 -9.32 -33.81 -16.49
C LYS B 305 -9.48 -32.83 -17.66
N ARG B 306 -8.62 -31.82 -17.70
CA ARG B 306 -9.02 -30.45 -17.38
C ARG B 306 -9.60 -29.76 -18.60
N SER B 307 -10.92 -29.80 -18.74
CA SER B 307 -11.57 -29.71 -20.04
C SER B 307 -13.07 -29.91 -19.92
N MET B 308 -13.80 -29.51 -20.97
CA MET B 308 -15.24 -29.72 -21.02
C MET B 308 -15.57 -31.17 -21.35
N ASP B 309 -16.58 -31.72 -20.66
CA ASP B 309 -17.20 -32.97 -21.08
C ASP B 309 -17.45 -32.99 -22.58
N PRO B 310 -18.17 -34.00 -23.04
CA PRO B 310 -19.37 -33.78 -23.86
C PRO B 310 -19.85 -32.34 -23.79
N GLY B 311 -19.72 -31.62 -24.91
CA GLY B 311 -20.84 -31.35 -25.78
C GLY B 311 -21.97 -30.64 -25.08
N TYR B 312 -21.62 -29.64 -24.27
CA TYR B 312 -22.46 -29.23 -23.15
C TYR B 312 -23.20 -27.90 -23.16
N PRO B 313 -23.30 -27.21 -24.32
CA PRO B 313 -24.04 -25.94 -24.25
C PRO B 313 -25.54 -26.19 -24.02
N LYS B 314 -25.86 -27.03 -23.03
CA LYS B 314 -27.22 -27.41 -22.66
C LYS B 314 -28.22 -26.31 -22.39
N MET B 315 -29.39 -26.70 -21.86
CA MET B 315 -30.46 -25.78 -21.53
C MET B 315 -30.78 -25.83 -20.05
N ILE B 316 -30.66 -24.68 -19.40
CA ILE B 316 -30.92 -24.57 -17.96
C ILE B 316 -32.31 -25.04 -17.55
N ALA B 317 -33.33 -24.56 -18.26
CA ALA B 317 -34.71 -24.93 -17.96
C ALA B 317 -34.94 -26.44 -17.98
N HIS B 318 -34.32 -27.11 -18.94
CA HIS B 318 -34.47 -28.56 -19.08
C HIS B 318 -33.81 -29.37 -17.97
N ASP B 319 -32.49 -29.27 -17.85
CA ASP B 319 -31.75 -30.02 -16.84
C ASP B 319 -32.00 -29.54 -15.39
N PHE B 320 -32.28 -28.25 -15.23
CA PHE B 320 -32.57 -27.68 -13.91
C PHE B 320 -33.99 -27.12 -13.87
N PRO B 321 -34.98 -28.01 -13.65
CA PRO B 321 -36.41 -27.70 -13.59
C PRO B 321 -36.86 -26.79 -12.44
N GLY B 322 -37.63 -25.77 -12.77
CA GLY B 322 -38.18 -24.87 -11.76
C GLY B 322 -37.39 -23.66 -11.28
N ILE B 323 -36.31 -23.30 -11.98
CA ILE B 323 -35.54 -22.14 -11.57
C ILE B 323 -35.62 -21.04 -12.62
N GLY B 324 -35.99 -21.43 -13.84
CA GLY B 324 -36.10 -20.46 -14.92
C GLY B 324 -34.92 -20.61 -15.84
N HIS B 325 -34.78 -19.68 -16.79
CA HIS B 325 -33.67 -19.74 -17.73
C HIS B 325 -32.70 -18.60 -17.49
N LYS B 326 -32.56 -18.20 -16.24
CA LYS B 326 -31.66 -17.10 -15.87
C LYS B 326 -31.10 -17.29 -14.46
N VAL B 327 -29.78 -17.27 -14.33
CA VAL B 327 -29.15 -17.41 -13.02
C VAL B 327 -28.21 -16.25 -12.69
N ASP B 328 -28.39 -15.68 -11.51
CA ASP B 328 -27.57 -14.57 -11.06
C ASP B 328 -26.36 -15.11 -10.32
N ALA B 329 -26.63 -16.05 -9.42
CA ALA B 329 -25.58 -16.67 -8.61
C ALA B 329 -26.08 -18.00 -8.06
N VAL B 330 -25.15 -18.90 -7.79
CA VAL B 330 -25.48 -20.23 -7.29
C VAL B 330 -24.25 -20.82 -6.56
N PHE B 331 -24.50 -21.68 -5.59
CA PHE B 331 -23.40 -22.31 -4.88
C PHE B 331 -23.86 -23.59 -4.21
N MET B 332 -22.99 -24.60 -4.15
CA MET B 332 -23.35 -25.87 -3.52
C MET B 332 -22.79 -25.96 -2.09
N LYS B 333 -23.64 -26.39 -1.16
CA LYS B 333 -23.26 -26.54 0.24
C LYS B 333 -24.20 -27.54 0.90
N ASP B 334 -23.62 -28.48 1.65
CA ASP B 334 -24.38 -29.52 2.34
C ASP B 334 -25.17 -30.40 1.37
N GLY B 335 -24.58 -30.68 0.22
CA GLY B 335 -25.26 -31.51 -0.76
C GLY B 335 -26.54 -30.92 -1.31
N PHE B 336 -26.51 -29.62 -1.59
CA PHE B 336 -27.67 -28.92 -2.15
C PHE B 336 -27.19 -27.78 -3.03
N PHE B 337 -28.00 -27.41 -4.01
CA PHE B 337 -27.65 -26.31 -4.90
C PHE B 337 -28.56 -25.15 -4.56
N TYR B 338 -27.99 -24.04 -4.10
CA TYR B 338 -28.84 -22.90 -3.81
C TYR B 338 -28.73 -21.88 -4.94
N PHE B 339 -29.81 -21.79 -5.71
CA PHE B 339 -29.91 -20.90 -6.85
C PHE B 339 -30.47 -19.54 -6.50
N PHE B 340 -30.02 -18.53 -7.24
CA PHE B 340 -30.45 -17.16 -7.00
C PHE B 340 -30.83 -16.44 -8.29
N HIS B 341 -31.96 -15.76 -8.23
CA HIS B 341 -32.47 -14.98 -9.35
C HIS B 341 -33.27 -13.84 -8.72
N GLY B 342 -32.84 -12.62 -9.00
CA GLY B 342 -33.54 -11.48 -8.42
C GLY B 342 -33.58 -11.67 -6.91
N THR B 343 -34.78 -11.72 -6.35
CA THR B 343 -34.92 -11.90 -4.91
C THR B 343 -35.37 -13.31 -4.55
N ARG B 344 -35.52 -14.15 -5.57
CA ARG B 344 -35.96 -15.52 -5.36
C ARG B 344 -34.78 -16.48 -5.26
N GLN B 345 -34.77 -17.29 -4.20
CA GLN B 345 -33.72 -18.29 -3.98
C GLN B 345 -34.34 -19.68 -3.89
N TYR B 346 -34.03 -20.52 -4.86
CA TYR B 346 -34.58 -21.88 -4.91
C TYR B 346 -33.62 -22.93 -4.36
N LYS B 347 -34.08 -23.74 -3.42
CA LYS B 347 -33.25 -24.81 -2.86
C LYS B 347 -33.36 -26.04 -3.75
N PHE B 348 -32.58 -26.05 -4.83
CA PHE B 348 -32.56 -27.15 -5.78
C PHE B 348 -31.87 -28.39 -5.20
N ASP B 349 -32.38 -29.57 -5.57
CA ASP B 349 -31.82 -30.83 -5.09
C ASP B 349 -31.13 -31.51 -6.28
N PRO B 350 -29.82 -31.79 -6.15
CA PRO B 350 -29.07 -32.43 -7.23
C PRO B 350 -29.54 -33.84 -7.57
N LYS B 351 -29.93 -34.60 -6.54
CA LYS B 351 -30.38 -35.96 -6.73
C LYS B 351 -31.65 -36.15 -7.55
N THR B 352 -32.76 -35.62 -7.04
CA THR B 352 -34.06 -35.73 -7.71
C THR B 352 -34.29 -34.68 -8.79
N LYS B 353 -33.54 -33.58 -8.70
CA LYS B 353 -33.68 -32.49 -9.67
C LYS B 353 -35.01 -31.78 -9.41
N ARG B 354 -35.30 -31.53 -8.14
CA ARG B 354 -36.53 -30.86 -7.76
C ARG B 354 -36.30 -29.45 -7.23
N ILE B 355 -37.00 -29.11 -6.15
CA ILE B 355 -36.90 -27.80 -5.51
C ILE B 355 -37.55 -27.88 -4.14
N LEU B 356 -36.81 -28.36 -3.14
CA LEU B 356 -37.35 -28.50 -1.79
C LEU B 356 -38.04 -27.24 -1.23
N THR B 357 -37.39 -26.08 -1.32
CA THR B 357 -37.97 -24.84 -0.81
C THR B 357 -37.85 -23.64 -1.74
N LEU B 358 -38.21 -22.47 -1.23
CA LEU B 358 -38.15 -21.21 -1.97
C LEU B 358 -38.23 -20.02 -1.00
N GLN B 359 -37.19 -19.17 -1.01
CA GLN B 359 -37.14 -18.01 -0.14
C GLN B 359 -36.47 -16.81 -0.78
N LYS B 360 -36.16 -15.81 0.04
CA LYS B 360 -35.50 -14.61 -0.46
C LYS B 360 -34.00 -14.77 -0.49
N ALA B 361 -33.32 -13.97 -1.31
CA ALA B 361 -31.88 -14.03 -1.45
C ALA B 361 -31.16 -13.87 -0.11
N ASN B 362 -31.65 -12.94 0.72
CA ASN B 362 -31.02 -12.68 2.02
C ASN B 362 -31.43 -13.68 3.11
N SER B 363 -31.62 -14.93 2.76
CA SER B 363 -32.04 -15.93 3.73
C SER B 363 -30.95 -16.40 4.69
N TRP B 364 -29.70 -16.37 4.23
CA TRP B 364 -28.61 -16.84 5.06
C TRP B 364 -28.15 -15.90 6.16
N PHE B 365 -28.90 -14.83 6.37
CA PHE B 365 -28.58 -13.89 7.44
C PHE B 365 -29.79 -13.94 8.38
N ASN B 366 -29.56 -14.24 9.65
CA ASN B 366 -30.66 -14.34 10.60
C ASN B 366 -31.38 -13.00 10.74
N CYS B 367 -32.53 -12.84 10.07
CA CYS B 367 -33.31 -11.61 10.13
C CYS B 367 -34.62 -11.76 10.92
#